data_5TCS
#
_entry.id   5TCS
#
_cell.length_a   169.381
_cell.length_b   186.593
_cell.length_c   122.039
_cell.angle_alpha   90.00
_cell.angle_beta   90.00
_cell.angle_gamma   90.00
#
_symmetry.space_group_name_H-M   'C 2 2 21'
#
loop_
_entity.id
_entity.type
_entity.pdbx_description
1 polymer 'Kinetochore protein NDC80'
2 polymer 'Kinetochore protein NUF2'
3 polymer 'Kinetochore protein SPC24'
4 polymer 'Kinetochore protein SPC25'
5 non-polymer 'MAGNESIUM ION'
6 water water
#
loop_
_entity_poly.entity_id
_entity_poly.type
_entity_poly.pdbx_seq_one_letter_code
_entity_poly.pdbx_strand_id
1 'polypeptide(L)'
;SNARDPRPLRDKNFQSAIQEEIYDYLKKNKFDIETNHPISIKFLKQPTQKGFIIIFKWLYLRLDPGYGFTKSIENEIYQI
LKNLRYPFLESINKSQISAVGGSNWHKFLG(MSE)LHW(MSE)VRTNIKLD(MSE)CLNKVDRSLINQNTQEITILSQPL
KTLDEQDQRQERYEL(MSE)VEKLLIDYFTESYKSFLKLEDNYEPS(MSE)QELKLGFEKFVHIINTDVTSTELKLEELK
VDLNRKRYKLHQQVIHVIDITSKFKINIQSSLENSENELGNVIEELRNLEFETEHNV
;
A
2 'polypeptide(L)'
;SNASIFKDLEALSFQSNASRNQDVFPILDLQELVICLQSCDFALATQENISRPTSDY(MSE)VTLYKQIIENF(MSE)GI
SVESLLNSSNQETGDGHLQEENENIYLDTLNVLVLNKICFKFFENIGVQDFN(MSE)TDLYKPEAQRTQRLLSAVVNYAR
FREER(MSE)FDCNSFILQ(MSE)ESLLGQINKLNDEIKQLQKDFEVEVKEIEIEYSLLSGHINKY(MSE)NE(MSE)LE
Y(MSE)Q
;
B
3 'polypeptide(L)'
;(MSE)SQKDNLLDNPVEFLKEVRESFDIQQDVDA(MSE)KRIRHDLDVIKEESEARLKLYRSLGVILDLENDQVLINRKN
DGNIDILPLDNNLSDFYKTKYIWERLGK
;
C
4 'polypeptide(L)'
;(MSE)ASIDAFSDLERR(MSE)DGFQKDVAQVLARQQNHVALYERLLQLRVLPGASDVHDVRFVFGDDSRCWIEVA
(MSE)HGDHVIGNSHPALDPKSRATLEHVLTVQGDLAAFLVVARD(MSE)LLASL
;
D
#
loop_
_chem_comp.id
_chem_comp.type
_chem_comp.name
_chem_comp.formula
MG non-polymer 'MAGNESIUM ION' 'Mg 2'
#
# COMPACT_ATOMS: atom_id res chain seq x y z
N ASP A 5 -50.15 -23.58 -16.20
CA ASP A 5 -49.99 -25.02 -16.43
C ASP A 5 -49.69 -25.75 -15.11
N PRO A 6 -48.73 -25.25 -14.30
CA PRO A 6 -48.61 -25.74 -12.92
C PRO A 6 -49.65 -25.24 -11.92
N ARG A 7 -50.83 -24.79 -12.36
CA ARG A 7 -51.76 -24.20 -11.42
C ARG A 7 -53.09 -24.97 -11.38
N PRO A 8 -53.73 -25.08 -10.20
CA PRO A 8 -55.05 -25.72 -10.14
C PRO A 8 -56.12 -24.92 -10.88
N LEU A 9 -56.02 -24.89 -12.21
CA LEU A 9 -56.99 -24.11 -12.99
C LEU A 9 -58.38 -24.72 -12.93
N ARG A 10 -58.48 -26.05 -12.95
CA ARG A 10 -59.78 -26.69 -12.95
C ARG A 10 -60.42 -26.74 -11.57
N ASP A 11 -59.64 -26.54 -10.51
CA ASP A 11 -60.21 -26.49 -9.16
C ASP A 11 -61.20 -25.35 -9.05
N LYS A 12 -62.43 -25.67 -8.62
CA LYS A 12 -63.48 -24.68 -8.57
C LYS A 12 -63.20 -23.59 -7.53
N ASN A 13 -62.56 -23.93 -6.41
CA ASN A 13 -62.22 -22.92 -5.41
C ASN A 13 -61.17 -21.96 -5.96
N PHE A 14 -60.11 -22.50 -6.57
CA PHE A 14 -59.11 -21.64 -7.19
C PHE A 14 -59.75 -20.70 -8.20
N GLN A 15 -60.54 -21.25 -9.11
CA GLN A 15 -61.27 -20.43 -10.08
C GLN A 15 -62.05 -19.33 -9.37
N SER A 16 -62.79 -19.69 -8.34
CA SER A 16 -63.59 -18.70 -7.62
C SER A 16 -62.71 -17.56 -7.12
N ALA A 17 -61.58 -17.90 -6.50
CA ALA A 17 -60.72 -16.87 -5.92
C ALA A 17 -60.15 -15.95 -7.01
N ILE A 18 -59.56 -16.52 -8.05
CA ILE A 18 -58.95 -15.66 -9.06
C ILE A 18 -60.03 -14.85 -9.79
N GLN A 19 -61.22 -15.41 -9.94
CA GLN A 19 -62.35 -14.62 -10.44
C GLN A 19 -62.59 -13.41 -9.55
N GLU A 20 -62.61 -13.62 -8.23
CA GLU A 20 -62.82 -12.52 -7.30
C GLU A 20 -61.75 -11.44 -7.46
N GLU A 21 -60.48 -11.86 -7.51
CA GLU A 21 -59.39 -10.88 -7.58
C GLU A 21 -59.43 -10.11 -8.90
N ILE A 22 -59.61 -10.82 -10.02
CA ILE A 22 -59.76 -10.15 -11.31
C ILE A 22 -60.87 -9.10 -11.23
N TYR A 23 -62.07 -9.55 -10.85
CA TYR A 23 -63.19 -8.63 -10.74
C TYR A 23 -62.84 -7.42 -9.88
N ASP A 24 -62.17 -7.65 -8.76
CA ASP A 24 -61.83 -6.55 -7.87
C ASP A 24 -60.90 -5.55 -8.55
N TYR A 25 -59.90 -6.04 -9.27
CA TYR A 25 -58.97 -5.13 -9.93
C TYR A 25 -59.69 -4.31 -11.00
N LEU A 26 -60.44 -4.98 -11.86
CA LEU A 26 -61.10 -4.26 -12.95
C LEU A 26 -62.10 -3.25 -12.41
N LYS A 27 -62.90 -3.65 -11.42
CA LYS A 27 -63.91 -2.75 -10.87
C LYS A 27 -63.25 -1.58 -10.15
N LYS A 28 -62.20 -1.84 -9.36
CA LYS A 28 -61.52 -0.77 -8.64
C LYS A 28 -60.94 0.25 -9.60
N ASN A 29 -60.33 -0.20 -10.69
CA ASN A 29 -59.73 0.69 -11.67
C ASN A 29 -60.72 1.13 -12.74
N LYS A 30 -62.02 1.14 -12.42
CA LYS A 30 -63.03 1.74 -13.28
C LYS A 30 -63.02 1.15 -14.67
N PHE A 31 -62.84 -0.17 -14.76
CA PHE A 31 -62.89 -0.84 -16.05
C PHE A 31 -64.21 -0.58 -16.77
N ASP A 32 -65.32 -0.86 -16.07
CA ASP A 32 -66.63 -0.77 -16.72
C ASP A 32 -66.95 0.67 -17.13
N ILE A 33 -66.56 1.65 -16.32
CA ILE A 33 -66.81 3.04 -16.68
C ILE A 33 -65.94 3.45 -17.87
N GLU A 34 -64.66 3.07 -17.86
CA GLU A 34 -63.77 3.43 -18.96
C GLU A 34 -64.19 2.76 -20.26
N THR A 35 -64.74 1.54 -20.18
CA THR A 35 -65.23 0.83 -21.35
C THR A 35 -66.60 0.24 -21.02
N ASN A 36 -67.63 0.73 -21.70
CA ASN A 36 -69.00 0.29 -21.45
C ASN A 36 -69.33 -1.03 -22.13
N HIS A 37 -68.33 -1.83 -22.47
CA HIS A 37 -68.56 -3.00 -23.31
C HIS A 37 -69.33 -4.05 -22.51
N PRO A 38 -68.76 -4.63 -21.45
CA PRO A 38 -69.61 -5.01 -20.33
C PRO A 38 -69.58 -3.84 -19.36
N ILE A 39 -70.72 -3.39 -18.87
CA ILE A 39 -70.77 -2.31 -17.90
C ILE A 39 -71.38 -2.86 -16.62
N SER A 40 -70.95 -2.31 -15.47
CA SER A 40 -71.35 -2.83 -14.18
C SER A 40 -71.10 -4.33 -14.12
N ILE A 41 -69.91 -4.70 -14.57
CA ILE A 41 -69.60 -6.07 -14.94
C ILE A 41 -69.27 -6.87 -13.70
N LYS A 42 -69.75 -8.10 -13.65
CA LYS A 42 -69.74 -8.84 -12.39
C LYS A 42 -69.69 -10.33 -12.67
N PHE A 43 -68.52 -10.93 -12.40
CA PHE A 43 -68.33 -12.38 -12.44
C PHE A 43 -68.88 -13.01 -13.71
N LEU A 44 -68.16 -12.85 -14.82
CA LEU A 44 -68.41 -13.63 -16.02
C LEU A 44 -67.85 -15.04 -15.82
N LYS A 45 -68.51 -15.82 -14.97
CA LYS A 45 -68.16 -17.24 -14.87
C LYS A 45 -68.40 -17.94 -16.19
N GLN A 46 -69.38 -17.47 -16.97
CA GLN A 46 -69.64 -17.91 -18.34
C GLN A 46 -69.37 -16.73 -19.26
N PRO A 47 -68.16 -16.57 -19.77
CA PRO A 47 -67.81 -15.35 -20.50
C PRO A 47 -68.37 -15.35 -21.91
N THR A 48 -68.35 -14.16 -22.52
CA THR A 48 -68.65 -13.96 -23.92
C THR A 48 -67.36 -13.57 -24.64
N GLN A 49 -67.13 -14.16 -25.82
CA GLN A 49 -65.87 -13.95 -26.51
C GLN A 49 -65.58 -12.46 -26.70
N LYS A 50 -66.57 -11.71 -27.16
CA LYS A 50 -66.47 -10.26 -27.27
C LYS A 50 -65.87 -9.73 -25.97
N GLY A 51 -66.62 -9.89 -24.87
CA GLY A 51 -66.17 -9.38 -23.58
C GLY A 51 -64.75 -9.77 -23.24
N PHE A 52 -64.40 -11.05 -23.44
CA PHE A 52 -63.03 -11.48 -23.19
C PHE A 52 -62.04 -10.60 -23.95
N ILE A 53 -62.30 -10.38 -25.24
CA ILE A 53 -61.41 -9.52 -26.02
C ILE A 53 -61.33 -8.14 -25.37
N ILE A 54 -62.47 -7.60 -24.94
CA ILE A 54 -62.46 -6.30 -24.29
C ILE A 54 -61.48 -6.29 -23.12
N ILE A 55 -61.67 -7.24 -22.20
CA ILE A 55 -60.81 -7.29 -21.02
C ILE A 55 -59.34 -7.37 -21.43
N PHE A 56 -59.01 -8.32 -22.29
CA PHE A 56 -57.61 -8.48 -22.71
C PHE A 56 -57.06 -7.17 -23.22
N LYS A 57 -57.81 -6.49 -24.09
CA LYS A 57 -57.34 -5.22 -24.65
C LYS A 57 -57.10 -4.19 -23.56
N TRP A 58 -58.06 -4.05 -22.64
CA TRP A 58 -57.91 -3.11 -21.53
C TRP A 58 -56.63 -3.38 -20.76
N LEU A 59 -56.51 -4.59 -20.21
CA LEU A 59 -55.35 -4.93 -19.38
C LEU A 59 -54.05 -4.71 -20.14
N TYR A 60 -53.94 -5.27 -21.35
CA TYR A 60 -52.67 -5.15 -22.07
C TYR A 60 -52.33 -3.70 -22.35
N LEU A 61 -53.32 -2.90 -22.75
CA LEU A 61 -53.06 -1.47 -22.93
C LEU A 61 -52.60 -0.83 -21.63
N ARG A 62 -53.00 -1.39 -20.48
CA ARG A 62 -52.47 -0.90 -19.21
C ARG A 62 -51.03 -1.33 -19.02
N LEU A 63 -50.63 -2.48 -19.57
CA LEU A 63 -49.23 -2.89 -19.47
C LEU A 63 -48.37 -2.20 -20.53
N ASP A 64 -48.89 -2.07 -21.74
CA ASP A 64 -48.13 -1.52 -22.87
C ASP A 64 -49.02 -0.57 -23.65
N PRO A 65 -49.23 0.64 -23.15
CA PRO A 65 -49.94 1.64 -23.94
C PRO A 65 -49.12 2.05 -25.15
N GLY A 66 -49.81 2.45 -26.20
CA GLY A 66 -49.17 2.71 -27.47
C GLY A 66 -49.15 1.53 -28.42
N TYR A 67 -49.41 0.32 -27.91
CA TYR A 67 -49.57 -0.83 -28.79
C TYR A 67 -50.77 -0.60 -29.71
N GLY A 68 -50.62 -1.01 -30.96
CA GLY A 68 -51.67 -0.83 -31.94
C GLY A 68 -52.40 -2.11 -32.29
N PHE A 69 -53.53 -2.36 -31.64
CA PHE A 69 -54.31 -3.55 -31.95
C PHE A 69 -54.87 -3.47 -33.36
N THR A 70 -54.87 -4.61 -34.05
CA THR A 70 -55.50 -4.70 -35.35
C THR A 70 -57.01 -4.83 -35.17
N LYS A 71 -57.73 -5.14 -36.24
CA LYS A 71 -59.18 -5.27 -36.16
C LYS A 71 -59.63 -6.66 -35.70
N SER A 72 -58.70 -7.60 -35.56
CA SER A 72 -59.01 -8.95 -35.10
C SER A 72 -57.95 -9.32 -34.07
N ILE A 73 -58.21 -8.96 -32.80
CA ILE A 73 -57.21 -9.15 -31.74
C ILE A 73 -56.84 -10.62 -31.60
N GLU A 74 -57.79 -11.53 -31.86
CA GLU A 74 -57.51 -12.95 -31.72
C GLU A 74 -56.22 -13.34 -32.45
N ASN A 75 -55.91 -12.69 -33.56
CA ASN A 75 -54.71 -13.00 -34.32
C ASN A 75 -53.43 -12.52 -33.64
N GLU A 76 -53.54 -11.65 -32.64
CA GLU A 76 -52.37 -11.07 -31.98
C GLU A 76 -52.12 -11.61 -30.58
N ILE A 77 -53.12 -12.23 -29.95
CA ILE A 77 -53.00 -12.59 -28.53
C ILE A 77 -51.78 -13.47 -28.31
N TYR A 78 -51.58 -14.48 -29.16
CA TYR A 78 -50.46 -15.38 -28.97
C TYR A 78 -49.13 -14.63 -29.07
N GLN A 79 -48.99 -13.77 -30.08
CA GLN A 79 -47.76 -13.02 -30.23
C GLN A 79 -47.55 -12.05 -29.06
N ILE A 80 -48.63 -11.41 -28.62
CA ILE A 80 -48.54 -10.52 -27.46
C ILE A 80 -48.00 -11.29 -26.26
N LEU A 81 -48.55 -12.48 -26.02
CA LEU A 81 -48.10 -13.27 -24.87
C LEU A 81 -46.65 -13.73 -25.04
N LYS A 82 -46.26 -14.08 -26.27
CA LYS A 82 -44.88 -14.46 -26.51
C LYS A 82 -43.93 -13.31 -26.22
N ASN A 83 -44.31 -12.09 -26.61
CA ASN A 83 -43.49 -10.92 -26.29
C ASN A 83 -43.43 -10.70 -24.79
N LEU A 84 -44.59 -10.75 -24.11
CA LEU A 84 -44.63 -10.61 -22.67
C LEU A 84 -43.86 -11.70 -21.94
N ARG A 85 -43.47 -12.77 -22.63
CA ARG A 85 -42.80 -13.92 -22.01
C ARG A 85 -43.74 -14.63 -21.03
N TYR A 86 -45.00 -14.78 -21.43
CA TYR A 86 -45.96 -15.52 -20.65
C TYR A 86 -45.38 -16.88 -20.27
N PRO A 87 -45.20 -17.18 -18.98
CA PRO A 87 -44.51 -18.43 -18.62
C PRO A 87 -45.30 -19.67 -19.00
N PHE A 88 -46.63 -19.63 -18.95
CA PHE A 88 -47.47 -20.76 -19.28
C PHE A 88 -47.86 -20.80 -20.75
N LEU A 89 -47.06 -20.15 -21.61
CA LEU A 89 -47.41 -20.06 -23.03
C LEU A 89 -47.54 -21.43 -23.67
N GLU A 90 -46.70 -22.39 -23.26
CA GLU A 90 -46.69 -23.70 -23.91
C GLU A 90 -48.04 -24.40 -23.81
N SER A 91 -48.80 -24.13 -22.74
CA SER A 91 -50.06 -24.82 -22.48
C SER A 91 -51.22 -24.27 -23.27
N ILE A 92 -50.97 -23.54 -24.36
CA ILE A 92 -52.01 -22.86 -25.11
C ILE A 92 -51.82 -23.17 -26.60
N ASN A 93 -52.89 -23.63 -27.24
CA ASN A 93 -52.92 -23.81 -28.69
C ASN A 93 -53.67 -22.63 -29.31
N LYS A 94 -53.15 -22.14 -30.43
CA LYS A 94 -53.74 -20.97 -31.08
C LYS A 94 -55.22 -21.19 -31.37
N SER A 95 -55.59 -22.40 -31.75
CA SER A 95 -56.97 -22.69 -32.13
C SER A 95 -57.95 -22.22 -31.05
N GLN A 96 -57.68 -22.55 -29.79
CA GLN A 96 -58.61 -22.25 -28.71
C GLN A 96 -58.84 -20.76 -28.52
N ILE A 97 -58.01 -19.89 -29.12
CA ILE A 97 -58.12 -18.47 -28.86
C ILE A 97 -59.38 -17.87 -29.49
N SER A 98 -59.94 -18.51 -30.52
CA SER A 98 -61.03 -17.88 -31.27
C SER A 98 -62.31 -17.82 -30.44
N ALA A 99 -62.62 -18.89 -29.70
CA ALA A 99 -63.83 -18.93 -28.87
C ALA A 99 -63.42 -19.57 -27.54
N VAL A 100 -63.08 -18.73 -26.56
CA VAL A 100 -62.57 -19.23 -25.28
C VAL A 100 -63.67 -19.48 -24.26
N GLY A 101 -64.92 -19.09 -24.56
CA GLY A 101 -66.00 -19.28 -23.61
C GLY A 101 -66.41 -20.72 -23.43
N GLY A 102 -65.69 -21.63 -24.07
CA GLY A 102 -66.00 -23.05 -24.03
C GLY A 102 -65.31 -23.79 -22.91
N SER A 103 -65.02 -25.06 -23.17
CA SER A 103 -64.48 -25.93 -22.13
C SER A 103 -63.15 -25.42 -21.60
N ASN A 104 -62.28 -24.93 -22.47
CA ASN A 104 -60.91 -24.59 -22.10
C ASN A 104 -60.78 -23.23 -21.44
N TRP A 105 -61.89 -22.57 -21.10
CA TRP A 105 -61.78 -21.24 -20.51
C TRP A 105 -60.94 -21.25 -19.23
N HIS A 106 -60.93 -22.38 -18.52
CA HIS A 106 -60.13 -22.47 -17.30
C HIS A 106 -58.70 -22.00 -17.54
N LYS A 107 -58.18 -22.20 -18.75
CA LYS A 107 -56.85 -21.70 -19.08
C LYS A 107 -56.88 -20.18 -19.24
N PHE A 108 -57.74 -19.69 -20.13
CA PHE A 108 -57.75 -18.26 -20.42
C PHE A 108 -58.10 -17.45 -19.17
N LEU A 109 -59.07 -17.91 -18.39
CA LEU A 109 -59.33 -17.28 -17.11
C LEU A 109 -58.04 -17.10 -16.33
N GLY A 110 -57.29 -18.18 -16.14
CA GLY A 110 -55.99 -18.08 -15.50
C GLY A 110 -55.14 -16.98 -16.11
N MSE A 111 -55.02 -16.99 -17.44
CA MSE A 111 -54.26 -15.97 -18.14
C MSE A 111 -54.66 -14.59 -17.64
O MSE A 111 -53.81 -13.80 -17.23
CB MSE A 111 -54.48 -16.06 -19.65
CG MSE A 111 -53.82 -14.96 -20.46
SE MSE A 111 -54.48 -14.92 -22.29
CE MSE A 111 -54.01 -16.73 -22.81
H MSE A 111 -55.38 -17.58 -17.95
HA MSE A 111 -53.32 -16.11 -17.97
HB2 MSE A 111 -54.12 -16.91 -19.96
HB3 MSE A 111 -55.44 -16.03 -19.83
HG2 MSE A 111 -54.01 -14.10 -20.05
HG3 MSE A 111 -52.86 -15.11 -20.49
HE1 MSE A 111 -54.28 -16.88 -23.73
HE2 MSE A 111 -53.05 -16.85 -22.73
HE3 MSE A 111 -54.47 -17.36 -22.23
N LEU A 112 -55.97 -14.31 -17.66
CA LEU A 112 -56.44 -13.00 -17.23
C LEU A 112 -55.90 -12.68 -15.84
N HIS A 113 -56.05 -13.61 -14.90
CA HIS A 113 -55.52 -13.39 -13.56
C HIS A 113 -54.04 -13.06 -13.62
N TRP A 114 -53.27 -13.86 -14.37
CA TRP A 114 -51.85 -13.62 -14.47
C TRP A 114 -51.55 -12.19 -14.93
N MSE A 115 -52.40 -11.63 -15.78
CA MSE A 115 -52.17 -10.27 -16.25
C MSE A 115 -52.44 -9.30 -15.11
O MSE A 115 -51.64 -8.41 -14.84
CB MSE A 115 -53.07 -9.97 -17.46
CG MSE A 115 -52.82 -10.91 -18.63
SE MSE A 115 -53.84 -10.46 -20.22
CE MSE A 115 -52.93 -8.81 -20.71
H MSE A 115 -53.10 -12.02 -16.10
HA MSE A 115 -51.25 -10.18 -16.53
HB2 MSE A 115 -54.00 -10.04 -17.19
HB3 MSE A 115 -52.88 -9.07 -17.76
HG2 MSE A 115 -51.88 -10.89 -18.87
HG3 MSE A 115 -53.08 -11.81 -18.36
HE1 MSE A 115 -53.34 -8.43 -21.51
HE2 MSE A 115 -53.02 -8.18 -19.97
HE3 MSE A 115 -52.00 -9.00 -20.86
N VAL A 116 -53.56 -9.50 -14.42
CA VAL A 116 -53.90 -8.64 -13.29
C VAL A 116 -52.71 -8.53 -12.35
N ARG A 117 -52.30 -9.66 -11.77
CA ARG A 117 -51.10 -9.65 -10.92
C ARG A 117 -49.96 -8.92 -11.60
N THR A 118 -49.66 -9.30 -12.85
CA THR A 118 -48.58 -8.63 -13.58
C THR A 118 -48.76 -7.12 -13.52
N ASN A 119 -49.94 -6.64 -13.88
CA ASN A 119 -50.23 -5.21 -13.81
C ASN A 119 -49.90 -4.67 -12.42
N ILE A 120 -50.46 -5.31 -11.38
CA ILE A 120 -50.16 -4.94 -9.99
C ILE A 120 -48.67 -4.69 -9.86
N LYS A 121 -47.87 -5.69 -10.23
CA LYS A 121 -46.45 -5.60 -9.98
C LYS A 121 -45.79 -4.53 -10.86
N LEU A 122 -46.26 -4.39 -12.10
CA LEU A 122 -45.68 -3.40 -13.00
C LEU A 122 -45.80 -2.01 -12.38
N ASP A 123 -47.03 -1.57 -12.12
CA ASP A 123 -47.24 -0.29 -11.46
C ASP A 123 -46.35 -0.14 -10.24
N MSE A 124 -46.08 -1.24 -9.55
CA MSE A 124 -45.21 -1.18 -8.38
C MSE A 124 -43.78 -0.95 -8.85
O MSE A 124 -43.15 0.05 -8.48
CB MSE A 124 -45.35 -2.46 -7.56
CG MSE A 124 -44.53 -2.49 -6.29
SE MSE A 124 -44.86 -1.00 -5.06
CE MSE A 124 -46.20 -1.84 -3.93
H MSE A 124 -46.37 -2.03 -9.73
HA MSE A 124 -45.49 -0.43 -7.83
HB2 MSE A 124 -46.28 -2.57 -7.30
HB3 MSE A 124 -45.07 -3.22 -8.10
HG2 MSE A 124 -44.72 -3.31 -5.81
HG3 MSE A 124 -43.59 -2.47 -6.53
HE1 MSE A 124 -46.48 -1.20 -3.25
HE2 MSE A 124 -46.97 -2.08 -4.47
HE3 MSE A 124 -45.82 -2.62 -3.52
N CYS A 125 -43.28 -1.86 -9.70
CA CYS A 125 -41.93 -1.74 -10.24
C CYS A 125 -41.65 -0.31 -10.70
N LEU A 126 -42.45 0.17 -11.66
CA LEU A 126 -42.22 1.50 -12.21
C LEU A 126 -42.15 2.56 -11.12
N ASN A 127 -43.05 2.48 -10.14
CA ASN A 127 -42.99 3.43 -9.03
C ASN A 127 -41.58 3.50 -8.47
N LYS A 128 -41.03 2.35 -8.10
CA LYS A 128 -39.66 2.30 -7.61
C LYS A 128 -38.71 2.99 -8.58
N VAL A 129 -38.79 2.62 -9.86
CA VAL A 129 -37.93 3.25 -10.86
C VAL A 129 -37.97 4.76 -10.70
N ASP A 130 -39.18 5.33 -10.68
CA ASP A 130 -39.31 6.77 -10.47
C ASP A 130 -38.45 7.19 -9.29
N ARG A 131 -38.74 6.63 -8.11
CA ARG A 131 -37.95 6.94 -6.93
C ARG A 131 -36.46 6.84 -7.23
N SER A 132 -36.02 5.69 -7.75
CA SER A 132 -34.61 5.51 -8.04
C SER A 132 -34.06 6.68 -8.83
N LEU A 133 -34.76 7.08 -9.90
CA LEU A 133 -34.28 8.19 -10.71
C LEU A 133 -34.02 9.42 -9.85
N ILE A 134 -35.02 9.84 -9.07
CA ILE A 134 -34.83 10.96 -8.16
C ILE A 134 -33.52 10.81 -7.40
N ASN A 135 -33.34 9.64 -6.76
CA ASN A 135 -32.12 9.40 -6.00
C ASN A 135 -30.90 9.74 -6.84
N GLN A 136 -30.79 9.15 -8.03
CA GLN A 136 -29.63 9.41 -8.88
C GLN A 136 -29.45 10.91 -9.10
N ASN A 137 -30.52 11.63 -9.41
CA ASN A 137 -30.40 13.04 -9.74
C ASN A 137 -29.73 13.84 -8.65
N THR A 138 -29.57 13.29 -7.44
CA THR A 138 -28.84 13.96 -6.37
C THR A 138 -27.57 13.25 -5.93
N GLN A 139 -27.43 11.94 -6.19
CA GLN A 139 -26.36 11.18 -5.54
C GLN A 139 -25.04 11.92 -5.63
N GLU A 140 -24.65 12.36 -6.84
CA GLU A 140 -23.37 13.04 -7.01
C GLU A 140 -23.19 14.15 -5.97
N ILE A 141 -24.06 15.15 -5.98
CA ILE A 141 -23.82 16.31 -5.12
C ILE A 141 -23.70 15.86 -3.67
N THR A 142 -24.39 14.79 -3.30
CA THR A 142 -24.28 14.30 -1.93
C THR A 142 -22.89 13.74 -1.66
N ILE A 143 -22.45 12.81 -2.52
CA ILE A 143 -21.15 12.17 -2.30
C ILE A 143 -20.02 13.20 -2.42
N LEU A 144 -20.11 14.08 -3.40
CA LEU A 144 -19.12 15.15 -3.52
C LEU A 144 -19.18 16.13 -2.35
N SER A 145 -20.28 16.15 -1.61
CA SER A 145 -20.39 17.03 -0.45
C SER A 145 -20.00 16.35 0.85
N GLN A 146 -19.63 15.07 0.81
CA GLN A 146 -19.16 14.39 2.00
C GLN A 146 -17.77 14.92 2.36
N PRO A 147 -17.35 14.73 3.62
CA PRO A 147 -16.00 15.15 3.99
C PRO A 147 -14.96 14.69 2.97
N LEU A 148 -14.06 15.60 2.63
CA LEU A 148 -13.10 15.33 1.56
C LEU A 148 -12.05 14.34 2.04
N LYS A 149 -11.89 13.26 1.28
CA LYS A 149 -10.82 12.30 1.52
C LYS A 149 -9.59 12.70 0.74
N THR A 150 -8.42 12.43 1.31
CA THR A 150 -7.18 12.82 0.65
C THR A 150 -7.10 12.17 -0.73
N LEU A 151 -6.36 12.83 -1.63
CA LEU A 151 -6.37 12.50 -3.05
C LEU A 151 -6.40 11.00 -3.32
N ASP A 152 -5.54 10.25 -2.64
CA ASP A 152 -5.42 8.82 -2.95
C ASP A 152 -6.72 8.07 -2.69
N GLU A 153 -7.54 8.55 -1.76
CA GLU A 153 -8.74 7.82 -1.36
C GLU A 153 -9.95 8.18 -2.22
N GLN A 154 -10.02 9.41 -2.71
CA GLN A 154 -11.15 9.88 -3.51
C GLN A 154 -10.74 9.88 -4.98
N ASP A 155 -11.00 8.77 -5.66
CA ASP A 155 -10.79 8.67 -7.09
C ASP A 155 -12.11 8.84 -7.82
N GLN A 156 -12.01 9.23 -9.10
CA GLN A 156 -13.18 9.38 -9.96
C GLN A 156 -14.11 10.51 -9.50
N ARG A 157 -13.52 11.61 -9.06
CA ARG A 157 -14.32 12.80 -8.72
C ARG A 157 -14.61 13.65 -9.95
N GLN A 158 -13.58 13.87 -10.78
CA GLN A 158 -13.78 14.59 -12.03
C GLN A 158 -14.90 13.96 -12.85
N GLU A 159 -14.99 12.62 -12.84
CA GLU A 159 -16.10 11.96 -13.50
C GLU A 159 -17.43 12.34 -12.84
N ARG A 160 -17.43 12.48 -11.52
CA ARG A 160 -18.65 12.86 -10.81
C ARG A 160 -19.12 14.25 -11.26
N TYR A 161 -18.22 15.22 -11.27
CA TYR A 161 -18.59 16.56 -11.72
C TYR A 161 -19.07 16.53 -13.17
N GLU A 162 -18.26 15.96 -14.06
CA GLU A 162 -18.63 15.85 -15.47
C GLU A 162 -20.04 15.25 -15.61
N LEU A 163 -20.34 14.22 -14.82
CA LEU A 163 -21.66 13.60 -14.87
C LEU A 163 -22.74 14.57 -14.41
N MSE A 164 -22.51 15.24 -13.28
CA MSE A 164 -23.46 16.21 -12.74
C MSE A 164 -23.89 17.23 -13.79
O MSE A 164 -25.07 17.34 -14.16
CB MSE A 164 -22.84 16.92 -11.53
CG MSE A 164 -23.83 17.73 -10.69
SE MSE A 164 -22.94 18.74 -9.28
CE MSE A 164 -22.26 17.26 -8.22
H MSE A 164 -21.80 15.16 -12.81
HA MSE A 164 -24.25 15.73 -12.43
HB2 MSE A 164 -22.44 16.25 -10.95
HB3 MSE A 164 -22.16 17.54 -11.85
HG2 MSE A 164 -24.30 18.35 -11.26
HG3 MSE A 164 -24.46 17.11 -10.28
HE1 MSE A 164 -21.78 17.60 -7.45
HE2 MSE A 164 -23.01 16.71 -7.92
HE3 MSE A 164 -21.67 16.72 -8.77
N VAL A 165 -22.90 17.97 -14.31
CA VAL A 165 -23.22 18.99 -15.31
C VAL A 165 -23.82 18.34 -16.55
N GLU A 166 -23.37 17.13 -16.90
CA GLU A 166 -23.97 16.46 -18.04
C GLU A 166 -25.47 16.28 -17.83
N LYS A 167 -25.88 15.90 -16.61
CA LYS A 167 -27.30 15.71 -16.35
C LYS A 167 -28.05 17.03 -16.41
N LEU A 168 -27.46 18.11 -15.90
CA LEU A 168 -28.08 19.42 -16.05
C LEU A 168 -28.31 19.75 -17.53
N LEU A 169 -27.27 19.62 -18.34
CA LEU A 169 -27.39 19.89 -19.76
C LEU A 169 -28.45 19.00 -20.41
N ILE A 170 -28.52 17.74 -19.99
CA ILE A 170 -29.53 16.83 -20.55
C ILE A 170 -30.93 17.35 -20.24
N ASP A 171 -31.16 17.79 -19.00
CA ASP A 171 -32.46 18.37 -18.67
C ASP A 171 -32.78 19.54 -19.57
N TYR A 172 -31.84 20.47 -19.71
CA TYR A 172 -32.05 21.61 -20.60
C TYR A 172 -32.40 21.16 -22.01
N PHE A 173 -31.65 20.18 -22.54
CA PHE A 173 -31.89 19.70 -23.89
C PHE A 173 -33.29 19.13 -24.03
N THR A 174 -33.68 18.23 -23.12
CA THR A 174 -34.98 17.58 -23.25
C THR A 174 -36.11 18.60 -23.19
N GLU A 175 -36.10 19.46 -22.17
CA GLU A 175 -37.20 20.41 -22.02
C GLU A 175 -37.25 21.40 -23.19
N SER A 176 -36.09 21.96 -23.54
CA SER A 176 -36.05 22.90 -24.65
C SER A 176 -36.54 22.25 -25.94
N TYR A 177 -36.27 20.95 -26.12
CA TYR A 177 -36.74 20.26 -27.31
C TYR A 177 -38.24 20.05 -27.26
N LYS A 178 -38.79 19.73 -26.08
CA LYS A 178 -40.23 19.69 -25.91
C LYS A 178 -40.84 20.99 -26.40
N SER A 179 -40.35 22.12 -25.88
CA SER A 179 -40.81 23.42 -26.37
C SER A 179 -40.69 23.51 -27.89
N PHE A 180 -39.53 23.14 -28.42
CA PHE A 180 -39.27 23.25 -29.85
C PHE A 180 -40.32 22.52 -30.67
N LEU A 181 -40.72 21.32 -30.24
CA LEU A 181 -41.76 20.59 -30.95
C LEU A 181 -43.14 21.20 -30.69
N LYS A 182 -43.32 21.89 -29.55
CA LYS A 182 -44.54 22.63 -29.30
C LYS A 182 -44.58 23.97 -30.04
N LEU A 183 -43.50 24.34 -30.73
CA LEU A 183 -43.37 25.58 -31.48
C LEU A 183 -43.13 26.79 -30.59
N GLU A 184 -42.60 26.58 -29.39
CA GLU A 184 -42.09 27.66 -28.56
C GLU A 184 -40.56 27.70 -28.72
N ASP A 185 -40.04 28.83 -29.19
CA ASP A 185 -38.63 28.96 -29.46
C ASP A 185 -37.86 29.62 -28.31
N ASN A 186 -38.53 30.02 -27.25
CA ASN A 186 -37.86 30.60 -26.10
C ASN A 186 -37.66 29.54 -25.03
N TYR A 187 -36.42 29.38 -24.58
CA TYR A 187 -36.07 28.38 -23.58
C TYR A 187 -35.59 29.00 -22.28
N GLU A 188 -35.83 30.31 -22.08
CA GLU A 188 -35.41 30.98 -20.86
C GLU A 188 -35.79 30.22 -19.60
N PRO A 189 -37.01 29.70 -19.45
CA PRO A 189 -37.32 28.90 -18.27
C PRO A 189 -36.29 27.80 -18.07
N SER A 190 -36.20 26.88 -19.03
CA SER A 190 -35.20 25.83 -18.97
C SER A 190 -33.82 26.40 -18.67
N MSE A 191 -33.38 27.39 -19.45
CA MSE A 191 -32.09 28.00 -19.23
C MSE A 191 -31.94 28.45 -17.78
O MSE A 191 -30.93 28.17 -17.14
CB MSE A 191 -31.88 29.20 -20.17
CG MSE A 191 -30.56 29.93 -19.95
SE MSE A 191 -28.98 28.78 -20.02
CE MSE A 191 -28.95 28.39 -21.93
H MSE A 191 -33.83 27.72 -20.10
HA MSE A 191 -31.40 27.35 -19.42
HB2 MSE A 191 -31.90 28.88 -21.09
HB3 MSE A 191 -32.60 29.83 -20.03
HG2 MSE A 191 -30.46 30.61 -20.65
HG3 MSE A 191 -30.57 30.35 -19.08
HE1 MSE A 191 -28.20 27.81 -22.12
HE2 MSE A 191 -29.78 27.95 -22.18
HE3 MSE A 191 -28.86 29.22 -22.43
N GLN A 192 -32.96 29.15 -17.26
CA GLN A 192 -32.90 29.56 -15.87
C GLN A 192 -32.68 28.35 -14.97
N GLU A 193 -33.50 27.31 -15.15
CA GLU A 193 -33.34 26.10 -14.35
C GLU A 193 -31.92 25.56 -14.47
N LEU A 194 -31.32 25.68 -15.65
CA LEU A 194 -29.93 25.27 -15.80
C LEU A 194 -29.00 26.13 -14.95
N LYS A 195 -29.08 27.45 -15.12
CA LYS A 195 -28.18 28.35 -14.40
C LYS A 195 -28.21 28.06 -12.91
N LEU A 196 -29.41 28.13 -12.30
CA LEU A 196 -29.58 27.72 -10.91
C LEU A 196 -28.78 26.46 -10.63
N GLY A 197 -29.11 25.37 -11.31
CA GLY A 197 -28.39 24.13 -11.10
C GLY A 197 -26.89 24.31 -11.20
N PHE A 198 -26.43 24.92 -12.29
CA PHE A 198 -25.00 25.07 -12.49
C PHE A 198 -24.37 25.83 -11.32
N GLU A 199 -25.07 26.82 -10.78
CA GLU A 199 -24.52 27.56 -9.66
C GLU A 199 -24.18 26.61 -8.52
N LYS A 200 -25.12 25.73 -8.15
CA LYS A 200 -24.82 24.73 -7.13
C LYS A 200 -23.50 24.05 -7.43
N PHE A 201 -23.33 23.57 -8.66
CA PHE A 201 -22.05 22.98 -9.06
C PHE A 201 -20.90 23.90 -8.71
N VAL A 202 -20.89 25.11 -9.29
CA VAL A 202 -19.78 26.03 -9.07
C VAL A 202 -19.52 26.21 -7.59
N HIS A 203 -20.55 26.10 -6.77
CA HIS A 203 -20.35 26.24 -5.33
C HIS A 203 -19.52 25.08 -4.80
N ILE A 204 -20.03 23.85 -4.95
CA ILE A 204 -19.38 22.71 -4.30
C ILE A 204 -17.93 22.58 -4.76
N ILE A 205 -17.72 22.61 -6.08
CA ILE A 205 -16.35 22.47 -6.59
C ILE A 205 -15.47 23.59 -6.03
N ASN A 206 -16.02 24.80 -5.93
CA ASN A 206 -15.24 25.89 -5.33
C ASN A 206 -14.69 25.45 -3.98
N THR A 207 -15.56 24.90 -3.13
CA THR A 207 -15.11 24.36 -1.85
C THR A 207 -13.87 23.51 -2.06
N ASP A 208 -13.98 22.47 -2.89
CA ASP A 208 -12.84 21.62 -3.20
C ASP A 208 -11.59 22.45 -3.44
N VAL A 209 -11.66 23.35 -4.42
CA VAL A 209 -10.51 24.21 -4.72
C VAL A 209 -9.93 24.75 -3.42
N THR A 210 -10.72 25.55 -2.70
CA THR A 210 -10.24 26.12 -1.44
C THR A 210 -9.60 25.04 -0.59
N SER A 211 -10.33 23.97 -0.31
CA SER A 211 -9.80 22.87 0.48
C SER A 211 -8.41 22.51 -0.03
N THR A 212 -8.33 22.07 -1.28
CA THR A 212 -7.05 21.67 -1.85
C THR A 212 -5.99 22.74 -1.63
N GLU A 213 -6.32 23.99 -2.00
CA GLU A 213 -5.37 25.07 -1.80
C GLU A 213 -4.79 25.03 -0.39
N LEU A 214 -5.67 25.07 0.61
CA LEU A 214 -5.21 25.03 1.99
C LEU A 214 -4.26 23.86 2.20
N LYS A 215 -4.71 22.65 1.84
CA LYS A 215 -3.86 21.47 2.02
C LYS A 215 -2.48 21.71 1.41
N LEU A 216 -2.44 22.20 0.18
CA LEU A 216 -1.15 22.49 -0.45
C LEU A 216 -0.27 23.30 0.49
N GLU A 217 -0.75 24.47 0.90
CA GLU A 217 0.08 25.36 1.72
C GLU A 217 0.45 24.70 3.03
N GLU A 218 -0.40 23.82 3.56
CA GLU A 218 -0.05 23.11 4.78
C GLU A 218 1.05 22.09 4.51
N LEU A 219 0.91 21.32 3.42
CA LEU A 219 1.91 20.30 3.10
C LEU A 219 3.30 20.89 3.13
N LYS A 220 3.52 21.96 2.39
CA LYS A 220 4.79 22.69 2.43
C LYS A 220 5.30 22.75 3.87
N VAL A 221 4.54 23.43 4.73
CA VAL A 221 4.94 23.57 6.13
C VAL A 221 5.37 22.21 6.68
N ASP A 222 4.46 21.24 6.61
CA ASP A 222 4.75 19.91 7.13
C ASP A 222 6.10 19.42 6.63
N LEU A 223 6.31 19.44 5.32
CA LEU A 223 7.55 18.92 4.77
C LEU A 223 8.74 19.68 5.34
N ASN A 224 8.67 21.01 5.36
CA ASN A 224 9.77 21.80 5.92
C ASN A 224 10.08 21.38 7.35
N ARG A 225 9.06 20.99 8.12
CA ARG A 225 9.31 20.54 9.48
C ARG A 225 9.98 19.17 9.49
N LYS A 226 9.56 18.28 8.59
CA LYS A 226 10.14 16.94 8.56
C LYS A 226 11.59 16.99 8.08
N ARG A 227 11.82 17.67 6.96
CA ARG A 227 13.17 17.81 6.41
C ARG A 227 14.16 18.21 7.51
N TYR A 228 13.91 19.33 8.18
CA TYR A 228 14.73 19.71 9.32
C TYR A 228 14.89 18.54 10.27
N LYS A 229 13.77 18.03 10.79
CA LYS A 229 13.79 16.89 11.70
C LYS A 229 14.71 15.80 11.17
N LEU A 230 14.66 15.54 9.87
CA LEU A 230 15.49 14.50 9.29
C LEU A 230 16.97 14.89 9.30
N HIS A 231 17.29 16.07 8.77
CA HIS A 231 18.68 16.48 8.68
C HIS A 231 19.35 16.41 10.05
N GLN A 232 18.68 16.94 11.08
CA GLN A 232 19.18 16.80 12.44
C GLN A 232 19.61 15.37 12.71
N GLN A 233 18.69 14.42 12.54
CA GLN A 233 19.02 13.01 12.71
C GLN A 233 20.33 12.67 12.00
N VAL A 234 20.41 12.97 10.70
CA VAL A 234 21.64 12.70 9.95
C VAL A 234 22.84 13.29 10.70
N ILE A 235 22.78 14.60 10.95
CA ILE A 235 23.83 15.30 11.69
C ILE A 235 24.18 14.45 12.90
N HIS A 236 23.16 14.13 13.71
CA HIS A 236 23.39 13.36 14.93
C HIS A 236 24.31 12.18 14.65
N VAL A 237 23.93 11.31 13.71
CA VAL A 237 24.75 10.13 13.45
C VAL A 237 26.15 10.56 13.06
N ILE A 238 26.26 11.45 12.06
CA ILE A 238 27.56 11.90 11.58
C ILE A 238 28.39 12.43 12.74
N ASP A 239 27.73 12.97 13.76
CA ASP A 239 28.46 13.40 14.94
C ASP A 239 29.02 12.17 15.65
N ILE A 240 28.13 11.37 16.25
CA ILE A 240 28.62 10.40 17.22
C ILE A 240 29.49 9.36 16.52
N THR A 241 29.08 8.91 15.34
CA THR A 241 29.92 8.07 14.51
C THR A 241 31.36 8.57 14.54
N SER A 242 31.55 9.81 14.08
CA SER A 242 32.88 10.40 14.11
C SER A 242 33.53 10.17 15.47
N LYS A 243 32.93 10.71 16.53
CA LYS A 243 33.45 10.53 17.89
C LYS A 243 33.85 9.08 18.10
N PHE A 244 32.91 8.16 17.89
CA PHE A 244 33.17 6.74 18.08
C PHE A 244 34.53 6.37 17.48
N LYS A 245 34.65 6.54 16.16
CA LYS A 245 35.89 6.20 15.47
C LYS A 245 37.08 6.78 16.22
N ILE A 246 37.08 8.10 16.41
CA ILE A 246 38.15 8.82 17.09
C ILE A 246 38.50 8.03 18.34
N ASN A 247 37.51 7.85 19.21
CA ASN A 247 37.77 7.19 20.49
C ASN A 247 38.50 5.87 20.27
N ILE A 248 37.95 5.00 19.42
CA ILE A 248 38.58 3.71 19.18
C ILE A 248 40.04 3.91 18.79
N GLN A 249 40.28 4.77 17.81
CA GLN A 249 41.65 4.98 17.36
C GLN A 249 42.54 5.38 18.52
N SER A 250 42.07 6.30 19.38
CA SER A 250 42.82 6.65 20.56
C SER A 250 43.21 5.40 21.33
N SER A 251 42.21 4.58 21.70
CA SER A 251 42.48 3.36 22.43
C SER A 251 43.58 2.54 21.78
N LEU A 252 43.59 2.49 20.45
CA LEU A 252 44.64 1.75 19.75
C LEU A 252 45.98 2.46 19.87
N GLU A 253 46.02 3.75 19.54
CA GLU A 253 47.28 4.47 19.51
C GLU A 253 48.01 4.36 20.85
N ASN A 254 47.27 4.54 21.95
CA ASN A 254 47.85 4.34 23.27
C ASN A 254 48.44 2.94 23.38
N SER A 255 47.61 1.92 23.18
CA SER A 255 48.04 0.53 23.35
C SER A 255 49.37 0.29 22.64
N GLU A 256 49.37 0.45 21.31
CA GLU A 256 50.58 0.20 20.53
C GLU A 256 51.79 0.89 21.15
N ASN A 257 51.65 2.15 21.55
CA ASN A 257 52.77 2.85 22.17
C ASN A 257 53.19 2.15 23.46
N GLU A 258 52.23 1.93 24.35
CA GLU A 258 52.48 1.27 25.62
C GLU A 258 53.31 0.00 25.45
N LEU A 259 52.70 -1.01 24.83
CA LEU A 259 53.40 -2.26 24.57
C LEU A 259 54.77 -2.00 23.97
N GLY A 260 54.85 -1.06 23.03
CA GLY A 260 56.13 -0.66 22.47
C GLY A 260 57.15 -0.43 23.57
N ASN A 261 56.89 0.57 24.40
CA ASN A 261 57.76 0.84 25.55
C ASN A 261 58.13 -0.46 26.26
N VAL A 262 57.12 -1.24 26.63
CA VAL A 262 57.38 -2.50 27.36
C VAL A 262 58.45 -3.30 26.63
N ILE A 263 58.21 -3.57 25.35
CA ILE A 263 59.15 -4.37 24.57
C ILE A 263 60.54 -3.74 24.65
N GLU A 264 60.61 -2.42 24.42
CA GLU A 264 61.89 -1.74 24.49
C GLU A 264 62.58 -2.04 25.81
N GLU A 265 61.86 -1.92 26.92
CA GLU A 265 62.46 -2.16 28.22
C GLU A 265 62.82 -3.63 28.41
N LEU A 266 62.05 -4.54 27.81
CA LEU A 266 62.42 -5.95 27.84
C LEU A 266 63.69 -6.23 27.04
N ARG A 267 64.13 -5.29 26.21
CA ARG A 267 65.29 -5.49 25.36
C ARG A 267 66.46 -4.57 25.73
N ASN A 268 66.29 -3.72 26.73
CA ASN A 268 67.38 -2.84 27.17
C ASN A 268 68.30 -3.62 28.08
N LEU A 269 69.52 -3.89 27.61
CA LEU A 269 70.46 -4.76 28.31
C LEU A 269 71.71 -3.99 28.75
N GLU A 270 71.54 -2.74 29.12
CA GLU A 270 72.65 -1.92 29.60
C GLU A 270 73.40 -2.61 30.74
N ILE B 5 -29.26 -11.28 -47.68
CA ILE B 5 -27.87 -10.91 -47.32
C ILE B 5 -27.59 -9.48 -47.75
N PHE B 6 -27.74 -9.22 -49.06
CA PHE B 6 -27.56 -7.88 -49.62
C PHE B 6 -28.88 -7.52 -50.30
N LYS B 7 -29.65 -6.65 -49.66
CA LYS B 7 -31.02 -6.38 -50.09
C LYS B 7 -31.12 -4.97 -50.66
N ASP B 8 -31.49 -4.88 -51.94
CA ASP B 8 -31.89 -3.63 -52.57
C ASP B 8 -33.26 -3.72 -53.22
N LEU B 9 -34.04 -4.77 -52.91
CA LEU B 9 -35.36 -4.91 -53.49
C LEU B 9 -36.30 -3.81 -53.00
N GLU B 10 -36.12 -3.35 -51.75
CA GLU B 10 -36.90 -2.21 -51.27
C GLU B 10 -36.72 -1.01 -52.18
N ALA B 11 -35.56 -0.88 -52.82
CA ALA B 11 -35.34 0.23 -53.74
C ALA B 11 -36.19 0.09 -54.99
N LEU B 12 -36.30 -1.13 -55.52
CA LEU B 12 -37.10 -1.37 -56.72
C LEU B 12 -38.59 -1.35 -56.45
N SER B 13 -39.01 -1.27 -55.19
CA SER B 13 -40.42 -1.11 -54.87
C SER B 13 -40.87 0.30 -55.23
N PHE B 14 -42.15 0.41 -55.59
CA PHE B 14 -42.70 1.70 -56.00
C PHE B 14 -42.49 2.75 -54.91
N GLN B 15 -42.03 3.93 -55.31
CA GLN B 15 -41.81 5.05 -54.40
C GLN B 15 -42.58 6.24 -54.95
N SER B 16 -43.63 6.65 -54.23
CA SER B 16 -44.45 7.76 -54.69
C SER B 16 -43.67 9.07 -54.65
N ASN B 17 -43.96 9.93 -55.62
CA ASN B 17 -43.32 11.25 -55.67
C ASN B 17 -43.98 12.23 -54.69
N ALA B 18 -45.27 12.03 -54.40
CA ALA B 18 -45.92 12.78 -53.34
C ALA B 18 -45.53 12.20 -51.99
N SER B 19 -45.83 12.96 -50.93
CA SER B 19 -45.45 12.57 -49.58
C SER B 19 -46.49 13.07 -48.61
N ARG B 20 -46.40 12.54 -47.39
CA ARG B 20 -47.36 12.86 -46.33
C ARG B 20 -46.64 12.62 -45.01
N ASN B 21 -46.38 13.69 -44.26
CA ASN B 21 -45.64 13.59 -43.01
C ASN B 21 -46.63 13.70 -41.85
N GLN B 22 -46.79 12.61 -41.11
CA GLN B 22 -47.63 12.62 -39.94
C GLN B 22 -46.87 13.06 -38.70
N ASP B 23 -45.58 12.78 -38.64
CA ASP B 23 -44.75 13.14 -37.50
C ASP B 23 -44.29 14.59 -37.61
N VAL B 24 -43.94 15.16 -36.45
CA VAL B 24 -43.41 16.52 -36.42
C VAL B 24 -41.97 16.56 -36.90
N PHE B 25 -41.25 15.44 -36.85
CA PHE B 25 -39.85 15.37 -37.24
C PHE B 25 -39.72 14.79 -38.63
N PRO B 26 -38.66 15.13 -39.36
CA PRO B 26 -38.48 14.54 -40.69
C PRO B 26 -38.16 13.06 -40.61
N ILE B 27 -38.53 12.34 -41.67
CA ILE B 27 -38.19 10.94 -41.82
C ILE B 27 -36.98 10.86 -42.74
N LEU B 28 -35.85 10.45 -42.19
CA LEU B 28 -34.63 10.35 -42.96
C LEU B 28 -34.60 9.03 -43.73
N ASP B 29 -33.91 9.05 -44.87
CA ASP B 29 -33.74 7.80 -45.60
C ASP B 29 -32.65 6.96 -44.96
N LEU B 30 -32.68 5.66 -45.27
CA LEU B 30 -31.85 4.68 -44.58
C LEU B 30 -30.41 5.15 -44.45
N GLN B 31 -29.76 5.51 -45.56
CA GLN B 31 -28.33 5.80 -45.53
C GLN B 31 -28.03 6.99 -44.63
N GLU B 32 -28.69 8.13 -44.88
CA GLU B 32 -28.45 9.30 -44.04
C GLU B 32 -28.71 8.99 -42.57
N LEU B 33 -29.77 8.26 -42.29
CA LEU B 33 -30.06 7.84 -40.92
C LEU B 33 -28.86 7.13 -40.31
N VAL B 34 -28.30 6.16 -41.04
CA VAL B 34 -27.17 5.41 -40.51
C VAL B 34 -25.96 6.32 -40.32
N ILE B 35 -25.71 7.21 -41.28
CA ILE B 35 -24.58 8.13 -41.15
C ILE B 35 -24.71 8.96 -39.89
N CYS B 36 -25.90 9.53 -39.66
CA CYS B 36 -26.11 10.36 -38.49
C CYS B 36 -25.93 9.55 -37.20
N LEU B 37 -26.51 8.35 -37.15
CA LEU B 37 -26.39 7.54 -35.94
C LEU B 37 -24.95 7.16 -35.67
N GLN B 38 -24.18 6.84 -36.72
CA GLN B 38 -22.76 6.54 -36.53
C GLN B 38 -22.01 7.77 -36.04
N SER B 39 -22.34 8.95 -36.60
CA SER B 39 -21.71 10.18 -36.16
C SER B 39 -22.06 10.52 -34.71
N CYS B 40 -23.13 9.94 -34.18
CA CYS B 40 -23.44 10.04 -32.76
C CYS B 40 -22.76 8.95 -31.94
N ASP B 41 -21.75 8.27 -32.49
CA ASP B 41 -20.98 7.25 -31.81
C ASP B 41 -21.78 5.98 -31.54
N PHE B 42 -22.83 5.72 -32.32
CA PHE B 42 -23.57 4.47 -32.25
C PHE B 42 -23.01 3.55 -33.34
N ALA B 43 -21.85 2.96 -33.03
CA ALA B 43 -21.18 2.10 -34.00
C ALA B 43 -22.08 0.97 -34.48
N LEU B 44 -22.99 0.52 -33.62
CA LEU B 44 -23.86 -0.61 -33.96
C LEU B 44 -24.83 -0.27 -35.08
N ALA B 45 -25.05 1.02 -35.37
CA ALA B 45 -25.99 1.42 -36.39
C ALA B 45 -25.40 1.18 -37.77
N THR B 46 -26.00 0.28 -38.54
CA THR B 46 -25.56 0.00 -39.90
C THR B 46 -26.75 -0.15 -40.81
N GLN B 47 -26.54 0.15 -42.09
CA GLN B 47 -27.58 -0.04 -43.09
C GLN B 47 -28.08 -1.48 -43.10
N GLU B 48 -27.17 -2.43 -42.93
CA GLU B 48 -27.55 -3.85 -43.01
C GLU B 48 -28.54 -4.20 -41.91
N ASN B 49 -28.27 -3.78 -40.68
CA ASN B 49 -29.07 -4.19 -39.54
C ASN B 49 -30.30 -3.33 -39.28
N ILE B 50 -30.36 -2.11 -39.84
CA ILE B 50 -31.50 -1.22 -39.60
C ILE B 50 -32.45 -1.27 -40.79
N SER B 51 -32.41 -2.37 -41.55
CA SER B 51 -33.36 -2.58 -42.63
C SER B 51 -34.25 -3.76 -42.26
N ARG B 52 -34.86 -4.42 -43.25
CA ARG B 52 -35.71 -5.56 -42.98
C ARG B 52 -35.02 -6.44 -41.95
N PRO B 53 -33.74 -6.62 -42.07
CA PRO B 53 -33.01 -7.24 -40.94
C PRO B 53 -33.07 -6.42 -39.65
N THR B 54 -34.28 -6.08 -39.22
CA THR B 54 -34.49 -5.44 -37.93
C THR B 54 -34.81 -6.54 -36.93
N SER B 55 -33.86 -6.84 -36.05
CA SER B 55 -34.00 -8.01 -35.19
C SER B 55 -33.72 -7.67 -33.73
N ASP B 56 -33.51 -8.72 -32.93
CA ASP B 56 -33.32 -8.59 -31.49
C ASP B 56 -32.31 -7.52 -31.11
N TYR B 57 -31.37 -7.21 -32.01
CA TYR B 57 -30.33 -6.25 -31.68
C TYR B 57 -30.88 -4.85 -31.44
N MSE B 58 -32.13 -4.59 -31.80
CA MSE B 58 -32.75 -3.29 -31.56
C MSE B 58 -32.81 -2.97 -30.07
O MSE B 58 -32.65 -1.82 -29.66
CB MSE B 58 -34.17 -3.24 -32.14
CG MSE B 58 -34.23 -3.20 -33.66
SE MSE B 58 -33.24 -1.70 -34.43
CE MSE B 58 -34.04 -0.24 -33.42
H MSE B 58 -32.65 -5.16 -32.18
HA MSE B 58 -32.22 -2.61 -32.01
HB2 MSE B 58 -34.65 -4.02 -31.85
HB3 MSE B 58 -34.62 -2.44 -31.81
HG2 MSE B 58 -33.85 -4.02 -34.01
HG3 MSE B 58 -35.15 -3.12 -33.94
HE1 MSE B 58 -33.63 0.60 -33.70
HE2 MSE B 58 -34.99 -0.22 -33.60
HE3 MSE B 58 -33.88 -0.38 -32.47
N VAL B 59 -33.05 -4.00 -29.26
CA VAL B 59 -32.97 -3.85 -27.81
C VAL B 59 -31.63 -3.23 -27.43
N THR B 60 -30.54 -3.77 -27.96
CA THR B 60 -29.22 -3.23 -27.68
C THR B 60 -29.09 -1.80 -28.18
N LEU B 61 -29.57 -1.52 -29.40
CA LEU B 61 -29.42 -0.19 -29.97
C LEU B 61 -30.23 0.84 -29.19
N TYR B 62 -31.47 0.52 -28.84
CA TYR B 62 -32.27 1.45 -28.05
C TYR B 62 -31.65 1.64 -26.67
N LYS B 63 -31.13 0.57 -26.07
CA LYS B 63 -30.44 0.69 -24.80
C LYS B 63 -29.27 1.67 -24.91
N GLN B 64 -28.45 1.52 -25.96
CA GLN B 64 -27.34 2.44 -26.18
C GLN B 64 -27.83 3.88 -26.31
N ILE B 65 -28.90 4.06 -27.09
CA ILE B 65 -29.41 5.42 -27.35
C ILE B 65 -29.88 6.06 -26.06
N ILE B 66 -30.82 5.41 -25.37
CA ILE B 66 -31.34 5.96 -24.12
C ILE B 66 -30.23 6.20 -23.12
N GLU B 67 -29.30 5.24 -22.99
CA GLU B 67 -28.21 5.41 -22.04
C GLU B 67 -27.33 6.60 -22.39
N ASN B 68 -27.16 6.90 -23.68
CA ASN B 68 -26.29 8.00 -24.08
C ASN B 68 -27.00 9.35 -23.95
N PHE B 69 -28.27 9.42 -24.31
CA PHE B 69 -28.99 10.69 -24.29
C PHE B 69 -29.59 11.00 -22.92
N MSE B 70 -30.14 10.02 -22.23
CA MSE B 70 -30.73 10.26 -20.91
C MSE B 70 -29.66 10.25 -19.82
O MSE B 70 -29.91 10.65 -18.68
CB MSE B 70 -31.80 9.22 -20.58
CG MSE B 70 -33.13 9.46 -21.27
SE MSE B 70 -34.55 8.27 -20.65
CE MSE B 70 -35.91 9.58 -20.20
H MSE B 70 -30.20 9.20 -22.50
HA MSE B 70 -31.15 11.13 -20.91
HB2 MSE B 70 -31.48 8.34 -20.87
HB3 MSE B 70 -31.96 9.22 -19.63
HG2 MSE B 70 -33.42 10.38 -21.09
HG3 MSE B 70 -33.02 9.33 -22.23
HE1 MSE B 70 -36.70 9.13 -19.87
HE2 MSE B 70 -35.57 10.17 -19.52
HE3 MSE B 70 -36.13 10.09 -21.00
N GLY B 71 -28.46 9.80 -20.17
CA GLY B 71 -27.36 9.77 -19.21
C GLY B 71 -27.68 8.95 -17.98
N ILE B 72 -28.24 7.77 -18.19
CA ILE B 72 -28.61 6.85 -17.11
C ILE B 72 -28.23 5.44 -17.53
N SER B 73 -28.37 4.51 -16.59
CA SER B 73 -28.02 3.10 -16.81
C SER B 73 -29.29 2.27 -16.71
N VAL B 74 -29.57 1.50 -17.78
CA VAL B 74 -30.78 0.68 -17.79
C VAL B 74 -30.67 -0.46 -16.79
N GLU B 75 -29.52 -1.13 -16.76
CA GLU B 75 -29.31 -2.21 -15.80
C GLU B 75 -29.59 -1.74 -14.39
N SER B 76 -29.18 -0.51 -14.05
CA SER B 76 -29.42 0.02 -12.73
C SER B 76 -30.90 0.16 -12.43
N LEU B 77 -31.65 0.81 -13.34
CA LEU B 77 -33.07 1.00 -13.12
C LEU B 77 -33.80 -0.33 -13.01
N LEU B 78 -33.41 -1.32 -13.82
CA LEU B 78 -33.99 -2.65 -13.69
C LEU B 78 -33.66 -3.26 -12.34
N ASN B 79 -32.44 -3.02 -11.84
CA ASN B 79 -32.06 -3.55 -10.54
C ASN B 79 -32.93 -2.96 -9.43
N SER B 80 -33.13 -1.63 -9.45
CA SER B 80 -34.00 -1.01 -8.48
C SER B 80 -35.47 -1.34 -8.71
N SER B 81 -35.82 -1.90 -9.86
CA SER B 81 -37.19 -2.29 -10.14
C SER B 81 -37.60 -3.58 -9.43
N ASN B 82 -36.64 -4.41 -9.04
CA ASN B 82 -36.92 -5.78 -8.60
C ASN B 82 -36.81 -5.97 -7.09
N GLN B 83 -36.61 -4.91 -6.32
CA GLN B 83 -36.33 -5.05 -4.89
C GLN B 83 -37.25 -4.14 -4.07
N GLU B 84 -38.23 -4.75 -3.39
CA GLU B 84 -39.02 -4.03 -2.38
C GLU B 84 -38.29 -4.04 -1.05
N THR B 85 -38.15 -5.23 -0.46
CA THR B 85 -37.54 -5.42 0.85
C THR B 85 -36.94 -6.80 0.87
N GLY B 86 -35.64 -6.90 1.18
CA GLY B 86 -34.94 -8.15 1.02
C GLY B 86 -34.16 -8.64 2.23
N ASP B 87 -34.11 -7.85 3.31
CA ASP B 87 -33.39 -8.30 4.50
C ASP B 87 -34.01 -9.55 5.09
N GLY B 88 -35.34 -9.54 5.26
CA GLY B 88 -36.07 -10.62 5.90
C GLY B 88 -36.73 -11.50 4.87
N HIS B 89 -37.94 -11.14 4.46
CA HIS B 89 -38.77 -12.03 3.66
C HIS B 89 -38.19 -12.20 2.26
N LEU B 90 -38.14 -13.44 1.80
CA LEU B 90 -37.58 -13.82 0.49
C LEU B 90 -38.65 -14.56 -0.30
N GLN B 91 -39.56 -13.80 -0.92
CA GLN B 91 -40.52 -14.32 -1.87
C GLN B 91 -40.14 -13.97 -3.30
N GLU B 92 -38.85 -13.71 -3.54
CA GLU B 92 -38.40 -13.18 -4.83
C GLU B 92 -37.59 -14.17 -5.64
N GLU B 93 -36.94 -15.15 -5.01
CA GLU B 93 -36.12 -16.10 -5.76
C GLU B 93 -36.99 -17.09 -6.53
N ASN B 94 -38.20 -17.36 -6.05
CA ASN B 94 -39.04 -18.39 -6.65
C ASN B 94 -40.01 -17.85 -7.69
N GLU B 95 -40.45 -16.60 -7.56
CA GLU B 95 -41.42 -16.02 -8.50
C GLU B 95 -40.72 -15.56 -9.79
N ASN B 96 -40.13 -16.54 -10.47
CA ASN B 96 -39.71 -16.37 -11.86
C ASN B 96 -40.90 -16.04 -12.75
N ILE B 97 -42.11 -16.39 -12.30
CA ILE B 97 -43.33 -16.24 -13.11
C ILE B 97 -43.46 -14.83 -13.67
N TYR B 98 -42.99 -13.82 -12.95
CA TYR B 98 -43.16 -12.44 -13.37
C TYR B 98 -41.87 -11.71 -13.70
N LEU B 99 -40.71 -12.20 -13.25
CA LEU B 99 -39.48 -11.41 -13.35
C LEU B 99 -39.21 -11.01 -14.80
N ASP B 100 -39.05 -12.00 -15.68
CA ASP B 100 -38.72 -11.69 -17.08
C ASP B 100 -39.75 -10.75 -17.69
N THR B 101 -41.03 -11.08 -17.57
CA THR B 101 -42.09 -10.20 -18.07
C THR B 101 -41.89 -8.77 -17.59
N LEU B 102 -41.59 -8.61 -16.29
CA LEU B 102 -41.51 -7.27 -15.71
C LEU B 102 -40.29 -6.52 -16.22
N ASN B 103 -39.13 -7.15 -16.27
CA ASN B 103 -37.97 -6.49 -16.87
C ASN B 103 -38.29 -6.03 -18.28
N VAL B 104 -38.87 -6.92 -19.08
CA VAL B 104 -39.24 -6.58 -20.46
C VAL B 104 -40.13 -5.34 -20.49
N LEU B 105 -41.22 -5.37 -19.71
CA LEU B 105 -42.17 -4.26 -19.73
C LEU B 105 -41.57 -2.97 -19.22
N VAL B 106 -40.66 -3.05 -18.25
CA VAL B 106 -40.01 -1.86 -17.71
C VAL B 106 -39.11 -1.23 -18.76
N LEU B 107 -38.31 -2.05 -19.45
CA LEU B 107 -37.55 -1.53 -20.58
C LEU B 107 -38.47 -0.84 -21.58
N ASN B 108 -39.52 -1.54 -22.00
CA ASN B 108 -40.49 -0.94 -22.92
C ASN B 108 -40.98 0.40 -22.41
N LYS B 109 -41.15 0.54 -21.10
CA LYS B 109 -41.66 1.79 -20.55
C LYS B 109 -40.62 2.89 -20.62
N ILE B 110 -39.37 2.59 -20.27
CA ILE B 110 -38.30 3.58 -20.41
C ILE B 110 -38.27 4.09 -21.84
N CYS B 111 -38.17 3.19 -22.81
CA CYS B 111 -38.19 3.61 -24.21
C CYS B 111 -39.43 4.45 -24.49
N PHE B 112 -40.58 4.05 -23.94
CA PHE B 112 -41.83 4.75 -24.23
C PHE B 112 -41.77 6.20 -23.79
N LYS B 113 -41.31 6.46 -22.56
CA LYS B 113 -41.23 7.83 -22.08
C LYS B 113 -40.19 8.63 -22.86
N PHE B 114 -39.02 8.02 -23.12
CA PHE B 114 -38.00 8.69 -23.92
C PHE B 114 -38.57 9.14 -25.25
N PHE B 115 -39.20 8.24 -26.00
CA PHE B 115 -39.73 8.60 -27.30
C PHE B 115 -40.91 9.56 -27.20
N GLU B 116 -41.67 9.50 -26.11
CA GLU B 116 -42.64 10.55 -25.86
C GLU B 116 -41.97 11.91 -25.82
N ASN B 117 -40.80 12.00 -25.17
CA ASN B 117 -40.12 13.28 -25.06
C ASN B 117 -39.66 13.82 -26.43
N ILE B 118 -39.44 12.94 -27.41
CA ILE B 118 -38.87 13.37 -28.68
C ILE B 118 -39.84 13.18 -29.85
N GLY B 119 -41.14 13.24 -29.58
CA GLY B 119 -42.11 13.35 -30.64
C GLY B 119 -42.75 12.07 -31.14
N VAL B 120 -42.45 10.93 -30.52
CA VAL B 120 -43.11 9.68 -30.83
C VAL B 120 -43.99 9.29 -29.65
N GLN B 121 -45.26 9.02 -29.92
CA GLN B 121 -46.25 8.86 -28.87
C GLN B 121 -46.69 7.42 -28.63
N ASP B 122 -46.26 6.46 -29.46
CA ASP B 122 -46.84 5.12 -29.44
C ASP B 122 -45.78 4.02 -29.49
N PHE B 123 -44.59 4.27 -28.93
CA PHE B 123 -43.62 3.18 -28.78
C PHE B 123 -44.25 2.04 -27.98
N ASN B 124 -44.05 0.82 -28.45
CA ASN B 124 -44.68 -0.34 -27.81
C ASN B 124 -43.80 -1.56 -28.00
N MSE B 125 -44.24 -2.67 -27.43
CA MSE B 125 -43.48 -3.91 -27.39
C MSE B 125 -43.06 -4.43 -28.77
O MSE B 125 -41.99 -5.04 -28.91
CB MSE B 125 -44.29 -4.98 -26.66
CG MSE B 125 -44.48 -4.68 -25.19
SE MSE B 125 -42.93 -5.24 -24.15
CE MSE B 125 -43.13 -7.17 -24.43
H MSE B 125 -45.01 -2.74 -27.05
HA MSE B 125 -42.67 -3.75 -26.87
HB2 MSE B 125 -45.17 -5.03 -27.07
HB3 MSE B 125 -43.84 -5.83 -26.75
HG2 MSE B 125 -44.60 -3.73 -25.06
HG3 MSE B 125 -45.26 -5.18 -24.87
HE1 MSE B 125 -42.43 -7.63 -23.97
HE2 MSE B 125 -44.00 -7.44 -24.08
HE3 MSE B 125 -43.09 -7.35 -25.38
N THR B 126 -43.90 -4.19 -29.77
CA THR B 126 -43.56 -4.61 -31.13
C THR B 126 -42.22 -4.02 -31.57
N ASP B 127 -41.99 -2.74 -31.25
CA ASP B 127 -40.77 -2.08 -31.68
C ASP B 127 -39.53 -2.68 -31.05
N LEU B 128 -39.67 -3.45 -29.97
CA LEU B 128 -38.53 -4.08 -29.32
C LEU B 128 -38.40 -5.56 -29.65
N TYR B 129 -39.52 -6.25 -29.93
CA TYR B 129 -39.50 -7.70 -30.06
C TYR B 129 -40.12 -8.23 -31.34
N LYS B 130 -40.86 -7.40 -32.08
CA LYS B 130 -41.33 -7.77 -33.42
C LYS B 130 -41.01 -6.62 -34.36
N PRO B 131 -39.79 -6.09 -34.32
CA PRO B 131 -39.55 -4.78 -34.95
C PRO B 131 -39.69 -4.83 -36.46
N GLU B 132 -40.13 -3.71 -37.02
CA GLU B 132 -40.34 -3.56 -38.46
C GLU B 132 -39.38 -2.51 -39.01
N ALA B 133 -39.16 -2.57 -40.32
CA ALA B 133 -38.16 -1.69 -40.94
C ALA B 133 -38.61 -0.24 -40.94
N GLN B 134 -39.76 0.05 -41.54
CA GLN B 134 -40.18 1.44 -41.71
C GLN B 134 -40.40 2.12 -40.37
N ARG B 135 -41.08 1.46 -39.44
CA ARG B 135 -41.33 2.07 -38.14
C ARG B 135 -40.03 2.27 -37.37
N THR B 136 -39.14 1.27 -37.42
CA THR B 136 -37.81 1.45 -36.85
C THR B 136 -37.14 2.71 -37.39
N GLN B 137 -37.23 2.92 -38.71
CA GLN B 137 -36.59 4.09 -39.31
C GLN B 137 -37.28 5.38 -38.89
N ARG B 138 -38.59 5.33 -38.66
CA ARG B 138 -39.28 6.51 -38.12
C ARG B 138 -38.75 6.86 -36.74
N LEU B 139 -38.74 5.88 -35.83
CA LEU B 139 -38.24 6.12 -34.48
C LEU B 139 -36.81 6.66 -34.50
N LEU B 140 -35.92 5.98 -35.23
CA LEU B 140 -34.54 6.44 -35.29
C LEU B 140 -34.44 7.82 -35.93
N SER B 141 -35.35 8.15 -36.86
CA SER B 141 -35.38 9.49 -37.40
C SER B 141 -35.67 10.52 -36.31
N ALA B 142 -36.65 10.22 -35.44
CA ALA B 142 -36.87 11.07 -34.28
C ALA B 142 -35.58 11.23 -33.48
N VAL B 143 -34.91 10.11 -33.20
CA VAL B 143 -33.63 10.15 -32.48
C VAL B 143 -32.69 11.16 -33.13
N VAL B 144 -32.52 11.08 -34.45
CA VAL B 144 -31.54 11.92 -35.14
C VAL B 144 -31.93 13.38 -35.03
N ASN B 145 -33.21 13.68 -35.28
CA ASN B 145 -33.63 15.08 -35.18
C ASN B 145 -33.31 15.64 -33.82
N TYR B 146 -33.61 14.88 -32.76
CA TYR B 146 -33.27 15.34 -31.42
C TYR B 146 -31.76 15.55 -31.29
N ALA B 147 -30.97 14.65 -31.85
CA ALA B 147 -29.51 14.78 -31.76
C ALA B 147 -29.05 16.09 -32.38
N ARG B 148 -29.55 16.41 -33.57
CA ARG B 148 -29.18 17.67 -34.21
C ARG B 148 -29.59 18.86 -33.35
N PHE B 149 -30.86 18.91 -32.93
CA PHE B 149 -31.30 19.99 -32.06
C PHE B 149 -30.35 20.18 -30.88
N ARG B 150 -30.05 19.09 -30.17
CA ARG B 150 -29.10 19.15 -29.06
C ARG B 150 -27.79 19.77 -29.50
N GLU B 151 -27.23 19.28 -30.62
CA GLU B 151 -25.97 19.82 -31.11
C GLU B 151 -26.04 21.33 -31.27
N GLU B 152 -27.22 21.86 -31.61
CA GLU B 152 -27.37 23.31 -31.66
C GLU B 152 -27.47 23.92 -30.26
N ARG B 153 -28.11 23.23 -29.33
CA ARG B 153 -28.22 23.77 -27.97
C ARG B 153 -26.88 23.78 -27.24
N MSE B 154 -25.91 22.99 -27.69
CA MSE B 154 -24.60 23.00 -27.06
C MSE B 154 -23.96 24.38 -27.10
O MSE B 154 -23.42 24.85 -26.10
CB MSE B 154 -23.68 21.99 -27.74
CG MSE B 154 -23.68 20.61 -27.09
SE MSE B 154 -23.07 20.68 -25.24
CE MSE B 154 -23.34 18.81 -24.76
H MSE B 154 -25.99 22.45 -28.35
HA MSE B 154 -24.69 22.74 -26.13
HB2 MSE B 154 -23.95 21.88 -28.66
HB3 MSE B 154 -22.76 22.32 -27.70
HG2 MSE B 154 -24.59 20.27 -27.09
HG3 MSE B 154 -23.10 20.02 -27.58
HE1 MSE B 154 -23.07 18.68 -23.84
HE2 MSE B 154 -24.28 18.59 -24.87
HE3 MSE B 154 -22.81 18.25 -25.35
N PHE B 155 -24.02 25.02 -28.27
CA PHE B 155 -23.43 26.35 -28.41
C PHE B 155 -23.96 27.31 -27.35
N ASP B 156 -25.24 27.18 -27.00
CA ASP B 156 -25.78 27.98 -25.91
C ASP B 156 -25.09 27.65 -24.59
N CYS B 157 -24.63 26.42 -24.43
CA CYS B 157 -24.10 25.93 -23.16
C CYS B 157 -22.58 25.87 -23.11
N ASN B 158 -21.89 26.24 -24.20
CA ASN B 158 -20.43 26.16 -24.19
C ASN B 158 -19.83 26.93 -23.02
N SER B 159 -20.42 28.07 -22.66
CA SER B 159 -19.91 28.86 -21.55
C SER B 159 -19.77 28.01 -20.29
N PHE B 160 -20.87 27.34 -19.91
CA PHE B 160 -20.84 26.47 -18.74
C PHE B 160 -19.71 25.46 -18.83
N ILE B 161 -19.63 24.75 -19.97
CA ILE B 161 -18.57 23.76 -20.18
C ILE B 161 -17.22 24.37 -19.90
N LEU B 162 -16.95 25.55 -20.48
CA LEU B 162 -15.65 26.18 -20.31
C LEU B 162 -15.38 26.47 -18.84
N GLN B 163 -16.34 27.05 -18.13
CA GLN B 163 -16.14 27.35 -16.71
C GLN B 163 -15.81 26.07 -15.94
N MSE B 164 -16.59 25.02 -16.17
CA MSE B 164 -16.32 23.72 -15.56
C MSE B 164 -14.88 23.31 -15.77
O MSE B 164 -14.11 23.14 -14.82
CB MSE B 164 -17.26 22.67 -16.14
CG MSE B 164 -16.79 21.23 -15.94
SE MSE B 164 -17.87 19.95 -16.90
CE MSE B 164 -18.73 19.24 -15.33
H MSE B 164 -17.29 25.03 -16.67
HA MSE B 164 -16.50 23.78 -14.61
HB2 MSE B 164 -18.13 22.75 -15.72
HB3 MSE B 164 -17.34 22.82 -17.10
HG2 MSE B 164 -15.88 21.15 -16.26
HG3 MSE B 164 -16.83 21.02 -15.00
HE1 MSE B 164 -19.35 18.54 -15.60
HE2 MSE B 164 -18.05 18.88 -14.73
HE3 MSE B 164 -19.21 19.95 -14.88
N GLU B 165 -14.53 23.14 -17.06
CA GLU B 165 -13.18 22.71 -17.40
C GLU B 165 -12.12 23.58 -16.74
N SER B 166 -12.42 24.87 -16.55
CA SER B 166 -11.50 25.74 -15.83
C SER B 166 -11.34 25.30 -14.39
N LEU B 167 -12.44 25.11 -13.67
CA LEU B 167 -12.34 24.75 -12.25
C LEU B 167 -11.68 23.40 -12.06
N LEU B 168 -12.15 22.38 -12.79
CA LEU B 168 -11.49 21.09 -12.77
C LEU B 168 -10.01 21.23 -13.07
N GLY B 169 -9.67 22.08 -14.04
CA GLY B 169 -8.27 22.34 -14.32
C GLY B 169 -7.52 22.84 -13.10
N GLN B 170 -8.09 23.82 -12.40
CA GLN B 170 -7.48 24.33 -11.17
C GLN B 170 -7.20 23.21 -10.19
N ILE B 171 -8.24 22.43 -9.85
CA ILE B 171 -8.06 21.35 -8.89
C ILE B 171 -6.93 20.43 -9.33
N ASN B 172 -6.95 20.01 -10.60
CA ASN B 172 -5.93 19.07 -11.08
C ASN B 172 -4.53 19.66 -10.97
N LYS B 173 -4.37 20.93 -11.34
CA LYS B 173 -3.06 21.57 -11.21
C LYS B 173 -2.58 21.54 -9.76
N LEU B 174 -3.44 21.98 -8.84
CA LEU B 174 -3.06 21.97 -7.43
C LEU B 174 -2.64 20.58 -6.98
N ASN B 175 -3.50 19.58 -7.23
CA ASN B 175 -3.17 18.21 -6.85
C ASN B 175 -1.84 17.77 -7.46
N ASP B 176 -1.54 18.22 -8.68
CA ASP B 176 -0.24 17.94 -9.27
C ASP B 176 0.89 18.53 -8.44
N GLU B 177 0.72 19.77 -7.99
CA GLU B 177 1.72 20.36 -7.10
C GLU B 177 1.91 19.50 -5.85
N ILE B 178 0.82 19.14 -5.18
CA ILE B 178 0.92 18.27 -4.01
C ILE B 178 1.75 17.03 -4.34
N LYS B 179 1.28 16.27 -5.33
CA LYS B 179 1.94 15.01 -5.68
C LYS B 179 3.42 15.22 -5.95
N GLN B 180 3.77 16.32 -6.61
CA GLN B 180 5.17 16.57 -6.92
C GLN B 180 5.97 16.81 -5.64
N LEU B 181 5.45 17.65 -4.75
CA LEU B 181 6.14 17.91 -3.48
C LEU B 181 6.39 16.62 -2.72
N GLN B 182 5.32 15.87 -2.42
CA GLN B 182 5.50 14.68 -1.61
C GLN B 182 6.36 13.63 -2.31
N LYS B 183 6.29 13.58 -3.64
CA LYS B 183 7.19 12.69 -4.38
C LYS B 183 8.65 13.08 -4.17
N ASP B 184 8.97 14.36 -4.37
CA ASP B 184 10.32 14.85 -4.16
C ASP B 184 10.81 14.49 -2.75
N PHE B 185 10.06 14.89 -1.73
CA PHE B 185 10.49 14.63 -0.36
C PHE B 185 10.69 13.13 -0.14
N GLU B 186 9.76 12.31 -0.62
CA GLU B 186 9.92 10.86 -0.49
C GLU B 186 11.22 10.38 -1.12
N VAL B 187 11.60 10.97 -2.27
CA VAL B 187 12.87 10.63 -2.90
C VAL B 187 14.02 10.97 -1.97
N GLU B 188 14.02 12.19 -1.43
CA GLU B 188 15.07 12.57 -0.48
C GLU B 188 15.20 11.55 0.65
N VAL B 189 14.09 11.25 1.32
CA VAL B 189 14.11 10.26 2.39
C VAL B 189 14.68 8.94 1.88
N LYS B 190 14.36 8.58 0.63
CA LYS B 190 14.87 7.34 0.07
C LYS B 190 16.39 7.36 -0.01
N GLU B 191 16.95 8.39 -0.65
CA GLU B 191 18.40 8.47 -0.81
C GLU B 191 19.10 8.46 0.55
N ILE B 192 18.63 9.30 1.47
CA ILE B 192 19.26 9.36 2.80
C ILE B 192 19.20 7.99 3.46
N GLU B 193 18.01 7.37 3.49
CA GLU B 193 17.90 6.04 4.09
C GLU B 193 18.88 5.06 3.46
N ILE B 194 19.10 5.18 2.15
CA ILE B 194 20.03 4.31 1.46
C ILE B 194 21.45 4.51 2.03
N GLU B 195 21.94 5.75 1.97
CA GLU B 195 23.30 5.99 2.45
C GLU B 195 23.45 5.58 3.90
N TYR B 196 22.50 5.96 4.75
CA TYR B 196 22.56 5.56 6.15
C TYR B 196 22.65 4.05 6.27
N SER B 197 21.88 3.31 5.47
CA SER B 197 21.95 1.85 5.53
C SER B 197 23.35 1.38 5.19
N LEU B 198 23.97 1.95 4.14
CA LEU B 198 25.34 1.58 3.81
C LEU B 198 26.29 1.88 4.97
N LEU B 199 26.08 3.00 5.67
CA LEU B 199 26.94 3.35 6.79
C LEU B 199 26.75 2.38 7.95
N SER B 200 25.51 2.01 8.25
CA SER B 200 25.25 1.04 9.30
C SER B 200 25.90 -0.29 8.99
N GLY B 201 25.65 -0.84 7.79
CA GLY B 201 26.32 -2.05 7.40
C GLY B 201 27.84 -1.94 7.51
N HIS B 202 28.38 -0.79 7.15
CA HIS B 202 29.81 -0.57 7.25
C HIS B 202 30.29 -0.67 8.68
N ILE B 203 29.63 0.05 9.59
CA ILE B 203 30.04 0.06 11.00
C ILE B 203 29.91 -1.34 11.60
N ASN B 204 28.76 -1.99 11.38
CA ASN B 204 28.58 -3.34 11.89
C ASN B 204 29.67 -4.27 11.38
N LYS B 205 29.98 -4.18 10.08
CA LYS B 205 31.10 -4.95 9.52
C LYS B 205 32.39 -4.66 10.28
N TYR B 206 32.65 -3.38 10.53
CA TYR B 206 33.85 -2.97 11.27
C TYR B 206 33.91 -3.63 12.64
N MSE B 207 32.79 -3.67 13.35
CA MSE B 207 32.76 -4.22 14.70
C MSE B 207 32.88 -5.74 14.69
O MSE B 207 33.46 -6.33 15.58
CB MSE B 207 31.48 -3.79 15.42
CG MSE B 207 31.47 -2.32 15.83
SE MSE B 207 30.00 -1.85 17.02
CE MSE B 207 28.50 -2.15 15.81
H MSE B 207 32.02 -3.37 13.07
HA MSE B 207 33.51 -3.85 15.19
HB2 MSE B 207 30.72 -3.95 14.84
HB3 MSE B 207 31.39 -4.32 16.23
HG2 MSE B 207 32.31 -2.12 16.28
HG3 MSE B 207 31.39 -1.78 15.03
HE1 MSE B 207 27.68 -1.94 16.28
HE2 MSE B 207 28.60 -1.56 15.05
HE3 MSE B 207 28.50 -3.07 15.52
N ASN B 208 32.31 -6.36 13.65
CA ASN B 208 32.42 -7.82 13.52
C ASN B 208 33.87 -8.24 13.28
N GLU B 209 34.50 -7.67 12.25
CA GLU B 209 35.87 -8.04 11.93
C GLU B 209 36.79 -7.78 13.11
N MSE B 210 36.57 -6.68 13.83
CA MSE B 210 37.39 -6.33 14.98
C MSE B 210 37.24 -7.37 16.09
O MSE B 210 38.24 -7.88 16.62
CB MSE B 210 37.00 -4.95 15.51
CG MSE B 210 37.44 -3.82 14.60
SE MSE B 210 39.35 -3.43 14.73
CE MSE B 210 39.29 -2.10 16.15
H MSE B 210 35.95 -6.11 13.66
HA MSE B 210 38.31 -6.30 14.71
HB2 MSE B 210 36.04 -4.91 15.60
HB3 MSE B 210 37.42 -4.82 16.37
HG2 MSE B 210 37.24 -4.05 13.68
HG3 MSE B 210 36.95 -3.01 14.85
HE1 MSE B 210 40.20 -1.80 16.35
HE2 MSE B 210 38.74 -1.35 15.87
HE3 MSE B 210 38.90 -2.51 16.95
N LEU B 211 36.00 -7.70 16.45
CA LEU B 211 35.75 -8.61 17.56
C LEU B 211 36.48 -9.95 17.39
N GLU B 212 36.87 -10.30 16.17
CA GLU B 212 37.65 -11.52 15.98
C GLU B 212 38.98 -11.47 16.70
N TYR B 213 39.47 -10.27 17.03
CA TYR B 213 40.72 -10.09 17.73
C TYR B 213 40.53 -9.85 19.23
N MSE B 214 39.37 -9.33 19.64
CA MSE B 214 38.98 -9.38 21.05
C MSE B 214 38.68 -10.84 21.39
O MSE B 214 39.01 -11.73 20.61
CB MSE B 214 37.77 -8.47 21.32
CG MSE B 214 38.13 -6.99 21.54
SE MSE B 214 37.31 -5.80 20.23
CE MSE B 214 38.72 -5.89 18.89
H MSE B 214 38.79 -8.96 19.13
HA MSE B 214 39.72 -9.07 21.59
HB2 MSE B 214 37.17 -8.51 20.56
HB3 MSE B 214 37.32 -8.79 22.12
HG2 MSE B 214 37.81 -6.73 22.42
HG3 MSE B 214 39.09 -6.89 21.48
HE1 MSE B 214 38.47 -5.32 18.14
HE2 MSE B 214 39.55 -5.56 19.28
HE3 MSE B 214 38.82 -6.80 18.59
N GLN B 215 38.07 -11.08 22.55
CA GLN B 215 37.74 -12.42 23.04
C GLN B 215 38.95 -13.04 23.72
N LYS C 4 19.12 27.35 2.80
CA LYS C 4 18.81 27.57 4.21
C LYS C 4 19.85 26.90 5.10
N ASP C 5 20.32 27.62 6.10
CA ASP C 5 21.37 27.12 6.98
C ASP C 5 20.75 26.27 8.10
N ASN C 6 21.61 25.68 8.94
CA ASN C 6 21.21 24.62 9.86
C ASN C 6 20.50 23.49 9.11
N LEU C 7 20.78 23.37 7.82
CA LEU C 7 20.15 22.41 6.93
C LEU C 7 21.22 21.92 5.97
N LEU C 8 21.58 20.64 6.08
CA LEU C 8 22.69 20.10 5.32
C LEU C 8 22.52 20.39 3.84
N ASP C 9 23.58 20.93 3.22
CA ASP C 9 23.51 21.31 1.82
C ASP C 9 23.35 20.09 0.92
N ASN C 10 24.00 18.98 1.26
CA ASN C 10 23.75 17.70 0.61
C ASN C 10 24.01 16.60 1.62
N PRO C 11 22.97 16.04 2.24
CA PRO C 11 23.21 15.05 3.31
C PRO C 11 23.69 13.71 2.80
N VAL C 12 23.16 13.23 1.69
CA VAL C 12 23.62 11.97 1.11
C VAL C 12 25.13 11.99 0.97
N GLU C 13 25.66 13.03 0.33
CA GLU C 13 27.11 13.14 0.13
C GLU C 13 27.85 13.19 1.44
N PHE C 14 27.24 13.73 2.50
CA PHE C 14 27.89 13.76 3.81
C PHE C 14 27.99 12.36 4.40
N LEU C 15 26.88 11.63 4.43
CA LEU C 15 26.92 10.25 4.93
C LEU C 15 27.93 9.42 4.16
N LYS C 16 27.89 9.51 2.83
CA LYS C 16 28.88 8.81 2.02
C LYS C 16 30.30 9.20 2.42
N GLU C 17 30.54 10.50 2.56
CA GLU C 17 31.88 10.98 2.92
C GLU C 17 32.30 10.47 4.28
N VAL C 18 31.35 10.16 5.17
CA VAL C 18 31.69 9.58 6.46
C VAL C 18 31.99 8.09 6.31
N ARG C 19 31.23 7.40 5.45
CA ARG C 19 31.48 5.97 5.24
C ARG C 19 32.86 5.74 4.65
N GLU C 20 33.24 6.54 3.65
CA GLU C 20 34.52 6.32 2.98
C GLU C 20 35.70 6.62 3.90
N SER C 21 35.53 7.55 4.84
CA SER C 21 36.60 7.88 5.79
C SER C 21 36.68 6.91 6.95
N PHE C 22 35.79 5.91 7.01
CA PHE C 22 35.73 4.96 8.11
C PHE C 22 36.66 3.79 7.78
N ASP C 23 37.95 4.00 8.04
CA ASP C 23 38.98 3.05 7.62
C ASP C 23 38.94 1.81 8.52
N ILE C 24 38.48 0.69 7.98
CA ILE C 24 38.39 -0.54 8.76
C ILE C 24 39.73 -1.26 8.79
N GLN C 25 40.29 -1.53 7.61
CA GLN C 25 41.52 -2.31 7.53
C GLN C 25 42.65 -1.66 8.32
N GLN C 26 42.60 -0.34 8.51
CA GLN C 26 43.63 0.34 9.29
C GLN C 26 43.59 -0.12 10.73
N ASP C 27 42.41 -0.05 11.37
CA ASP C 27 42.30 -0.47 12.76
C ASP C 27 42.50 -1.98 12.90
N VAL C 28 42.02 -2.76 11.94
CA VAL C 28 42.27 -4.20 11.97
C VAL C 28 43.77 -4.46 11.99
N ASP C 29 44.49 -3.87 11.04
CA ASP C 29 45.94 -4.00 11.01
C ASP C 29 46.55 -3.57 12.34
N ALA C 30 46.02 -2.52 12.94
CA ALA C 30 46.51 -2.11 14.25
C ALA C 30 46.33 -3.22 15.27
N MSE C 31 45.18 -3.89 15.27
CA MSE C 31 44.93 -4.98 16.20
C MSE C 31 45.93 -6.10 15.97
O MSE C 31 46.43 -6.71 16.93
CB MSE C 31 43.52 -5.52 16.07
CG MSE C 31 42.43 -4.71 16.77
SE MSE C 31 42.65 -4.50 18.71
CE MSE C 31 43.79 -6.04 19.12
H MSE C 31 44.53 -3.73 14.73
HA MSE C 31 45.04 -4.64 17.11
HB2 MSE C 31 43.28 -5.55 15.13
HB3 MSE C 31 43.49 -6.41 16.44
HG2 MSE C 31 42.42 -3.81 16.39
HG3 MSE C 31 41.57 -5.14 16.63
HE1 MSE C 31 43.97 -6.05 20.07
HE2 MSE C 31 43.32 -6.85 18.86
HE3 MSE C 31 44.62 -5.96 18.62
N LYS C 32 46.23 -6.39 14.71
CA LYS C 32 47.24 -7.40 14.40
C LYS C 32 48.59 -7.00 14.99
N ARG C 33 48.98 -5.74 14.78
CA ARG C 33 50.21 -5.23 15.39
C ARG C 33 50.20 -5.43 16.90
N ILE C 34 49.03 -5.24 17.53
CA ILE C 34 48.96 -5.32 18.99
C ILE C 34 49.11 -6.77 19.45
N ARG C 35 48.45 -7.71 18.76
CA ARG C 35 48.60 -9.11 19.15
C ARG C 35 50.04 -9.57 18.92
N HIS C 36 50.67 -9.10 17.86
CA HIS C 36 52.09 -9.40 17.65
C HIS C 36 52.92 -8.89 18.81
N ASP C 37 52.68 -7.64 19.23
CA ASP C 37 53.41 -7.10 20.38
C ASP C 37 53.19 -7.96 21.62
N LEU C 38 51.95 -8.37 21.87
CA LEU C 38 51.67 -9.21 23.03
C LEU C 38 52.45 -10.51 22.97
N ASP C 39 52.47 -11.16 21.80
CA ASP C 39 53.23 -12.40 21.66
C ASP C 39 54.72 -12.16 21.88
N VAL C 40 55.23 -11.01 21.42
CA VAL C 40 56.63 -10.67 21.67
C VAL C 40 56.89 -10.55 23.17
N ILE C 41 56.04 -9.81 23.88
CA ILE C 41 56.22 -9.66 25.32
C ILE C 41 56.17 -11.02 26.02
N LYS C 42 55.25 -11.88 25.59
CA LYS C 42 55.16 -13.21 26.17
C LYS C 42 56.45 -13.99 25.96
N GLU C 43 56.85 -14.17 24.70
CA GLU C 43 58.05 -14.94 24.38
C GLU C 43 59.26 -14.39 25.11
N GLU C 44 59.50 -13.09 25.02
CA GLU C 44 60.69 -12.48 25.58
C GLU C 44 60.59 -12.21 27.08
N SER C 45 59.47 -12.56 27.71
CA SER C 45 59.35 -12.53 29.16
C SER C 45 59.36 -13.93 29.78
N GLU C 46 59.12 -14.97 29.00
CA GLU C 46 58.93 -16.32 29.54
C GLU C 46 60.04 -16.70 30.52
N ALA C 47 61.30 -16.68 30.05
CA ALA C 47 62.39 -17.21 30.87
C ALA C 47 62.58 -16.41 32.15
N ARG C 48 62.71 -15.09 32.03
CA ARG C 48 62.91 -14.26 33.23
C ARG C 48 61.77 -14.45 34.22
N LEU C 49 60.54 -14.53 33.73
CA LEU C 49 59.42 -14.79 34.64
C LEU C 49 59.54 -16.15 35.30
N LYS C 50 60.00 -17.16 34.55
CA LYS C 50 60.22 -18.47 35.15
C LYS C 50 61.26 -18.40 36.26
N LEU C 51 62.28 -17.56 36.09
CA LEU C 51 63.29 -17.41 37.13
C LEU C 51 62.72 -16.71 38.36
N TYR C 52 62.02 -15.58 38.16
CA TYR C 52 61.47 -14.85 39.29
C TYR C 52 60.45 -15.68 40.05
N ARG C 53 59.63 -16.46 39.33
CA ARG C 53 58.71 -17.37 40.01
C ARG C 53 59.46 -18.52 40.66
N SER C 54 60.61 -18.90 40.11
CA SER C 54 61.41 -19.96 40.73
C SER C 54 61.97 -19.54 42.08
N LEU C 55 62.17 -18.24 42.29
CA LEU C 55 62.61 -17.76 43.59
C LEU C 55 61.60 -18.07 44.68
N GLY C 56 60.31 -18.08 44.34
CA GLY C 56 59.24 -18.24 45.30
C GLY C 56 58.31 -17.05 45.42
N VAL C 57 58.62 -15.94 44.74
CA VAL C 57 57.75 -14.77 44.73
C VAL C 57 56.76 -14.91 43.59
N ILE C 58 55.50 -14.58 43.88
CA ILE C 58 54.44 -14.57 42.88
C ILE C 58 53.61 -13.32 43.07
N LEU C 59 52.96 -12.86 42.01
CA LEU C 59 52.30 -11.56 42.00
C LEU C 59 50.79 -11.74 41.90
N ASP C 60 50.07 -10.75 42.46
CA ASP C 60 48.61 -10.62 42.31
C ASP C 60 48.32 -9.13 42.08
N LEU C 61 48.44 -8.70 40.81
CA LEU C 61 48.01 -7.36 40.46
C LEU C 61 46.50 -7.20 40.54
N GLU C 62 45.76 -8.30 40.71
CA GLU C 62 44.33 -8.20 40.97
C GLU C 62 44.08 -7.63 42.36
N ASN C 63 44.58 -8.31 43.39
CA ASN C 63 44.48 -7.84 44.76
C ASN C 63 45.45 -6.71 45.07
N ASP C 64 46.25 -6.27 44.09
CA ASP C 64 47.21 -5.20 44.28
C ASP C 64 48.27 -5.57 45.33
N GLN C 65 48.58 -6.86 45.43
CA GLN C 65 49.53 -7.34 46.43
C GLN C 65 50.38 -8.45 45.83
N VAL C 66 51.53 -8.69 46.46
CA VAL C 66 52.43 -9.77 46.06
C VAL C 66 52.55 -10.76 47.21
N LEU C 67 53.00 -11.96 46.85
CA LEU C 67 52.96 -13.13 47.72
C LEU C 67 54.33 -13.81 47.72
N ILE C 68 54.78 -14.23 48.90
CA ILE C 68 56.02 -14.98 49.06
C ILE C 68 55.65 -16.36 49.59
N ASN C 69 56.01 -17.40 48.83
CA ASN C 69 55.66 -18.77 49.12
C ASN C 69 56.90 -19.66 49.25
N ARG C 70 58.01 -19.08 49.71
CA ARG C 70 59.18 -19.87 50.06
C ARG C 70 59.10 -20.43 51.48
N LYS C 71 58.05 -20.05 52.23
CA LYS C 71 57.82 -20.59 53.56
C LYS C 71 56.95 -21.83 53.42
N ASN C 72 57.57 -23.00 53.55
CA ASN C 72 56.83 -24.25 53.52
C ASN C 72 55.91 -24.35 54.72
N ASP C 73 55.15 -25.44 54.85
CA ASP C 73 54.25 -25.65 55.99
C ASP C 73 53.12 -24.62 56.00
N GLY C 74 52.51 -24.41 54.84
CA GLY C 74 51.27 -23.66 54.75
C GLY C 74 51.34 -22.21 55.18
N ASN C 75 52.53 -21.61 55.19
CA ASN C 75 52.66 -20.20 55.54
C ASN C 75 53.23 -19.42 54.36
N ILE C 76 53.02 -18.11 54.40
CA ILE C 76 53.31 -17.24 53.26
C ILE C 76 53.55 -15.81 53.76
N ASP C 77 53.79 -14.88 52.84
CA ASP C 77 53.85 -13.46 53.20
C ASP C 77 53.23 -12.62 52.09
N ILE C 78 52.82 -11.41 52.44
CA ILE C 78 52.11 -10.52 51.53
C ILE C 78 52.71 -9.13 51.61
N LEU C 79 52.66 -8.40 50.47
CA LEU C 79 53.16 -7.01 50.43
C LEU C 79 52.35 -6.15 49.47
N PRO C 80 51.89 -4.96 49.87
CA PRO C 80 51.06 -4.14 48.99
C PRO C 80 51.85 -3.17 48.11
N LEU C 81 51.18 -2.70 47.06
CA LEU C 81 51.74 -1.75 46.08
C LEU C 81 50.91 -0.46 46.00
N ASP C 82 50.26 -0.06 47.09
CA ASP C 82 49.68 1.27 47.09
C ASP C 82 50.78 2.28 47.33
N ASN C 83 50.45 3.57 47.24
CA ASN C 83 51.42 4.63 47.46
C ASN C 83 51.72 4.73 48.95
N ASN C 84 52.46 3.73 49.45
CA ASN C 84 52.61 3.54 50.88
C ASN C 84 54.00 3.93 51.38
N LEU C 85 55.01 3.10 51.11
CA LEU C 85 56.37 3.35 51.57
C LEU C 85 57.35 3.27 50.40
N SER C 86 58.63 3.42 50.71
CA SER C 86 59.68 3.51 49.71
C SER C 86 60.00 2.13 49.13
N ASP C 87 60.70 2.14 48.00
CA ASP C 87 61.02 0.89 47.31
C ASP C 87 62.12 0.12 48.03
N PHE C 88 63.12 0.83 48.56
CA PHE C 88 64.18 0.16 49.32
C PHE C 88 63.59 -0.71 50.42
N TYR C 89 62.57 -0.19 51.12
CA TYR C 89 61.87 -0.96 52.13
C TYR C 89 61.34 -2.27 51.54
N LYS C 90 60.55 -2.16 50.47
CA LYS C 90 59.98 -3.34 49.83
C LYS C 90 61.06 -4.36 49.48
N THR C 91 62.05 -3.94 48.69
CA THR C 91 63.12 -4.85 48.29
C THR C 91 63.74 -5.53 49.50
N LYS C 92 64.13 -4.75 50.51
CA LYS C 92 64.77 -5.32 51.69
C LYS C 92 63.89 -6.40 52.32
N TYR C 93 62.59 -6.11 52.47
CA TYR C 93 61.69 -7.09 53.08
C TYR C 93 61.61 -8.36 52.23
N ILE C 94 61.39 -8.20 50.93
CA ILE C 94 61.21 -9.37 50.07
C ILE C 94 62.45 -10.25 50.11
N TRP C 95 63.64 -9.64 50.07
CA TRP C 95 64.87 -10.42 50.06
C TRP C 95 65.14 -11.07 51.41
N GLU C 96 64.87 -10.36 52.51
CA GLU C 96 65.12 -10.93 53.82
C GLU C 96 64.26 -12.16 54.07
N ARG C 97 63.00 -12.13 53.62
CA ARG C 97 62.07 -13.21 53.88
C ARG C 97 62.16 -14.36 52.88
N LEU C 98 63.22 -14.41 52.08
CA LEU C 98 63.29 -15.36 50.97
C LEU C 98 64.27 -16.51 51.19
N GLY C 99 65.48 -16.24 51.67
CA GLY C 99 66.49 -17.26 51.73
C GLY C 99 66.77 -17.78 53.12
N LYS C 100 65.73 -17.86 53.95
CA LYS C 100 65.86 -18.32 55.33
C LYS C 100 66.75 -19.56 55.44
N ALA D 2 16.94 -1.33 9.24
CA ALA D 2 18.06 -0.50 8.81
C ALA D 2 17.59 0.90 8.45
N SER D 3 16.81 1.51 9.34
CA SER D 3 16.31 2.86 9.16
C SER D 3 17.02 3.80 10.12
N ILE D 4 17.24 5.03 9.66
CA ILE D 4 17.94 6.01 10.50
C ILE D 4 17.22 6.20 11.83
N ASP D 5 15.89 6.02 11.84
CA ASP D 5 15.16 6.10 13.10
C ASP D 5 15.64 5.06 14.10
N ALA D 6 16.17 3.95 13.62
CA ALA D 6 16.70 2.89 14.48
C ALA D 6 18.14 3.17 14.93
N PHE D 7 18.67 4.35 14.62
CA PHE D 7 20.07 4.63 14.98
C PHE D 7 20.29 4.51 16.48
N SER D 8 19.28 4.84 17.29
CA SER D 8 19.35 4.59 18.72
C SER D 8 19.96 3.22 18.98
N ASP D 9 19.37 2.18 18.40
CA ASP D 9 19.86 0.82 18.61
C ASP D 9 21.37 0.73 18.40
N LEU D 10 21.85 1.27 17.28
CA LEU D 10 23.27 1.15 16.99
C LEU D 10 24.10 1.83 18.07
N GLU D 11 23.66 3.01 18.54
CA GLU D 11 24.39 3.71 19.59
C GLU D 11 24.62 2.81 20.79
N ARG D 12 23.72 1.85 21.03
CA ARG D 12 23.97 0.87 22.09
C ARG D 12 25.22 0.08 21.76
N ARG D 13 25.17 -0.69 20.68
CA ARG D 13 26.28 -1.59 20.35
C ARG D 13 27.60 -0.84 20.35
N MSE D 14 27.64 0.31 19.69
CA MSE D 14 28.85 1.12 19.63
C MSE D 14 29.34 1.43 21.03
O MSE D 14 30.51 1.18 21.36
CB MSE D 14 28.60 2.41 18.83
CG MSE D 14 28.64 2.18 17.33
SE MSE D 14 27.75 3.55 16.27
CE MSE D 14 29.18 4.85 16.16
H MSE D 14 26.97 0.64 19.26
HA MSE D 14 29.53 0.62 19.16
HB2 MSE D 14 27.71 2.74 19.06
HB3 MSE D 14 29.28 3.05 19.06
HG2 MSE D 14 29.57 2.15 17.05
HG3 MSE D 14 28.22 1.34 17.13
HE1 MSE D 14 28.87 5.61 15.65
HE2 MSE D 14 29.42 5.13 17.05
HE3 MSE D 14 29.94 4.45 15.72
N ASP D 15 28.46 1.97 21.88
CA ASP D 15 28.86 2.27 23.25
C ASP D 15 29.42 1.03 23.94
N GLY D 16 28.90 -0.16 23.61
CA GLY D 16 29.49 -1.38 24.14
C GLY D 16 30.84 -1.67 23.53
N PHE D 17 30.94 -1.59 22.20
CA PHE D 17 32.22 -1.80 21.54
C PHE D 17 33.26 -0.83 22.10
N GLN D 18 32.97 0.46 22.02
CA GLN D 18 33.78 1.50 22.65
C GLN D 18 34.27 1.06 24.02
N LYS D 19 33.38 0.45 24.80
CA LYS D 19 33.76 -0.05 26.13
C LYS D 19 34.66 -1.27 26.01
N ASP D 20 34.16 -2.32 25.34
CA ASP D 20 34.88 -3.59 25.29
C ASP D 20 36.32 -3.38 24.83
N VAL D 21 36.51 -2.71 23.69
CA VAL D 21 37.86 -2.39 23.21
C VAL D 21 38.69 -1.81 24.35
N ALA D 22 38.20 -0.71 24.94
CA ALA D 22 38.96 -0.03 25.98
C ALA D 22 39.37 -0.99 27.10
N GLN D 23 38.54 -2.00 27.37
CA GLN D 23 38.83 -2.92 28.47
C GLN D 23 39.94 -3.89 28.11
N VAL D 24 39.98 -4.35 26.86
CA VAL D 24 40.97 -5.35 26.48
C VAL D 24 42.37 -4.74 26.37
N LEU D 25 42.45 -3.44 26.08
CA LEU D 25 43.73 -2.79 25.83
C LEU D 25 44.33 -2.15 27.09
N ALA D 26 43.92 -2.60 28.27
CA ALA D 26 44.50 -2.08 29.51
C ALA D 26 45.97 -2.48 29.61
N ARG D 27 46.78 -1.57 30.16
CA ARG D 27 48.22 -1.81 30.29
C ARG D 27 48.45 -2.81 31.43
N GLN D 28 48.63 -4.10 31.10
CA GLN D 28 48.81 -5.11 32.14
C GLN D 28 49.77 -6.22 31.72
N GLN D 29 50.77 -5.92 30.88
CA GLN D 29 51.71 -6.94 30.42
C GLN D 29 53.14 -6.68 30.89
N ASN D 30 53.32 -5.90 31.95
CA ASN D 30 54.65 -5.47 32.40
C ASN D 30 55.09 -6.18 33.68
N HIS D 31 54.77 -7.47 33.81
CA HIS D 31 55.13 -8.20 35.02
C HIS D 31 56.65 -8.18 35.25
N VAL D 32 57.43 -8.35 34.19
CA VAL D 32 58.88 -8.47 34.34
C VAL D 32 59.46 -7.22 34.98
N ALA D 33 59.04 -6.04 34.50
CA ALA D 33 59.61 -4.80 35.03
C ALA D 33 59.27 -4.61 36.50
N LEU D 34 58.05 -4.95 36.90
CA LEU D 34 57.68 -4.86 38.31
C LEU D 34 58.53 -5.81 39.14
N TYR D 35 58.70 -7.05 38.67
CA TYR D 35 59.60 -7.99 39.35
C TYR D 35 60.97 -7.38 39.54
N GLU D 36 61.57 -6.86 38.46
CA GLU D 36 62.91 -6.30 38.54
C GLU D 36 62.98 -5.15 39.52
N ARG D 37 61.97 -4.26 39.51
CA ARG D 37 61.97 -3.13 40.43
C ARG D 37 61.91 -3.62 41.87
N LEU D 38 61.05 -4.60 42.16
CA LEU D 38 60.94 -5.12 43.51
C LEU D 38 62.24 -5.76 43.98
N LEU D 39 62.69 -6.79 43.24
CA LEU D 39 63.86 -7.55 43.65
C LEU D 39 65.17 -6.80 43.44
N GLN D 40 65.17 -5.70 42.71
CA GLN D 40 66.40 -5.01 42.33
C GLN D 40 67.41 -6.01 41.76
N LEU D 41 66.94 -6.83 40.82
CA LEU D 41 67.73 -7.88 40.21
C LEU D 41 67.46 -7.90 38.72
N ARG D 42 68.47 -7.60 37.91
CA ARG D 42 68.35 -7.69 36.47
C ARG D 42 69.18 -8.85 35.94
N VAL D 43 68.71 -9.45 34.86
CA VAL D 43 69.41 -10.52 34.15
C VAL D 43 69.88 -9.96 32.82
N LEU D 44 71.19 -9.88 32.66
CA LEU D 44 71.83 -9.22 31.53
C LEU D 44 72.78 -10.17 30.83
N PRO D 45 73.24 -9.81 29.63
CA PRO D 45 74.31 -10.57 28.99
C PRO D 45 75.63 -10.39 29.74
N GLY D 46 76.55 -11.31 29.49
CA GLY D 46 77.85 -11.24 30.11
C GLY D 46 78.78 -10.28 29.40
N ALA D 47 79.71 -9.71 30.17
CA ALA D 47 80.71 -8.81 29.61
C ALA D 47 81.72 -9.54 28.75
N SER D 48 81.83 -10.86 28.92
CA SER D 48 82.64 -11.71 28.05
C SER D 48 81.80 -12.93 27.73
N ASP D 49 81.55 -13.18 26.45
CA ASP D 49 80.59 -14.20 26.06
C ASP D 49 81.02 -15.62 26.44
N VAL D 50 82.20 -15.81 27.03
CA VAL D 50 82.47 -17.06 27.72
C VAL D 50 81.41 -17.30 28.77
N HIS D 51 81.20 -16.30 29.64
CA HIS D 51 80.12 -16.31 30.62
C HIS D 51 78.96 -15.53 30.02
N ASP D 52 77.93 -16.24 29.58
CA ASP D 52 76.83 -15.60 28.90
C ASP D 52 75.94 -14.83 29.88
N VAL D 53 75.59 -15.42 31.03
CA VAL D 53 74.54 -14.87 31.86
C VAL D 53 75.15 -14.08 33.01
N ARG D 54 74.68 -12.84 33.20
CA ARG D 54 75.12 -11.99 34.30
C ARG D 54 73.91 -11.59 35.13
N PHE D 55 73.96 -11.87 36.43
CA PHE D 55 72.94 -11.44 37.37
C PHE D 55 73.44 -10.20 38.11
N VAL D 56 72.56 -9.22 38.28
CA VAL D 56 72.95 -7.90 38.78
C VAL D 56 72.00 -7.52 39.91
N PHE D 57 72.55 -7.34 41.11
CA PHE D 57 71.81 -6.86 42.27
C PHE D 57 72.17 -5.41 42.57
N GLY D 58 71.16 -4.62 42.86
CA GLY D 58 71.31 -3.20 43.13
C GLY D 58 70.85 -2.35 41.97
N ASP D 59 70.37 -1.14 42.28
CA ASP D 59 69.92 -0.24 41.23
C ASP D 59 71.10 0.24 40.39
N ASP D 60 72.18 0.66 41.04
CA ASP D 60 73.45 0.87 40.35
C ASP D 60 74.10 -0.48 40.09
N SER D 61 75.25 -0.46 39.42
CA SER D 61 76.03 -1.68 39.22
C SER D 61 76.78 -2.03 40.50
N ARG D 62 76.00 -2.30 41.55
CA ARG D 62 76.58 -2.54 42.88
C ARG D 62 77.14 -3.95 42.99
N CYS D 63 76.30 -4.96 42.78
CA CYS D 63 76.75 -6.34 42.83
C CYS D 63 76.34 -7.04 41.54
N TRP D 64 77.12 -8.05 41.14
CA TRP D 64 76.76 -8.88 40.00
C TRP D 64 77.71 -10.07 39.95
N ILE D 65 77.24 -11.12 39.28
CA ILE D 65 78.00 -12.36 39.12
C ILE D 65 77.67 -12.93 37.75
N GLU D 66 78.64 -13.66 37.17
CA GLU D 66 78.49 -14.22 35.84
C GLU D 66 78.57 -15.74 35.88
N VAL D 67 77.84 -16.36 34.95
CA VAL D 67 77.76 -17.81 34.83
C VAL D 67 77.89 -18.20 33.36
N ALA D 68 78.79 -19.17 33.12
CA ALA D 68 79.01 -19.85 31.84
C ALA D 68 78.71 -21.31 32.09
N MSE D 69 77.46 -21.70 31.92
CA MSE D 69 77.05 -23.03 32.33
C MSE D 69 77.46 -24.11 31.32
O MSE D 69 77.25 -25.30 31.56
CB MSE D 69 75.53 -23.04 32.54
CG MSE D 69 75.00 -24.26 33.26
SE MSE D 69 75.65 -24.41 35.09
CE MSE D 69 75.47 -26.33 35.31
H MSE D 69 76.83 -21.22 31.57
HA MSE D 69 77.45 -23.23 33.18
HB2 MSE D 69 75.29 -22.26 33.05
HB3 MSE D 69 75.11 -23.00 31.66
HG2 MSE D 69 74.03 -24.22 33.29
HG3 MSE D 69 75.28 -25.06 32.78
HE1 MSE D 69 75.77 -26.58 36.20
HE2 MSE D 69 74.55 -26.58 35.19
HE3 MSE D 69 76.03 -26.78 34.64
N HIS D 70 78.05 -23.70 30.20
CA HIS D 70 78.45 -24.63 29.14
C HIS D 70 79.93 -24.94 29.13
N GLY D 71 80.78 -23.96 29.41
CA GLY D 71 82.22 -24.19 29.41
C GLY D 71 82.67 -25.02 30.59
N ASP D 72 83.98 -25.00 30.87
CA ASP D 72 84.55 -25.68 32.02
C ASP D 72 84.83 -24.73 33.18
N HIS D 73 84.40 -23.47 33.08
CA HIS D 73 84.48 -22.50 34.17
C HIS D 73 83.05 -21.99 34.39
N VAL D 74 82.28 -22.72 35.21
CA VAL D 74 80.87 -22.39 35.40
C VAL D 74 80.73 -21.01 36.03
N ILE D 75 81.30 -20.84 37.22
CA ILE D 75 81.25 -19.56 37.92
C ILE D 75 82.33 -18.65 37.34
N GLY D 76 81.92 -17.55 36.72
CA GLY D 76 82.86 -16.63 36.11
C GLY D 76 83.27 -15.49 37.01
N ASN D 77 83.24 -14.28 36.47
CA ASN D 77 83.73 -13.11 37.19
C ASN D 77 82.71 -12.64 38.23
N SER D 78 83.18 -11.75 39.09
CA SER D 78 82.37 -11.08 40.10
C SER D 78 83.14 -9.87 40.58
N HIS D 79 82.47 -8.73 40.68
CA HIS D 79 83.19 -7.52 41.05
C HIS D 79 83.50 -7.49 42.54
N PRO D 80 82.60 -7.98 43.41
CA PRO D 80 82.90 -7.99 44.85
C PRO D 80 84.06 -8.88 45.28
N ALA D 81 84.80 -9.47 44.36
CA ALA D 81 86.06 -10.17 44.69
C ALA D 81 85.82 -11.34 45.65
N LEU D 82 85.11 -12.35 45.16
CA LEU D 82 84.83 -13.54 45.95
C LEU D 82 86.07 -14.41 46.06
N ASP D 83 86.19 -15.09 47.20
CA ASP D 83 87.32 -15.96 47.45
C ASP D 83 87.09 -17.34 46.85
N PRO D 84 88.15 -18.12 46.67
CA PRO D 84 87.98 -19.46 46.05
C PRO D 84 86.92 -20.33 46.72
N LYS D 85 86.96 -20.47 48.04
CA LYS D 85 86.01 -21.34 48.72
C LYS D 85 84.57 -20.99 48.35
N SER D 86 84.23 -19.70 48.42
CA SER D 86 82.88 -19.26 48.06
C SER D 86 82.54 -19.66 46.63
N ARG D 87 83.46 -19.40 45.70
CA ARG D 87 83.19 -19.69 44.30
C ARG D 87 82.94 -21.18 44.09
N ALA D 88 83.69 -22.04 44.79
CA ALA D 88 83.42 -23.47 44.71
C ALA D 88 82.05 -23.81 45.29
N THR D 89 81.72 -23.21 46.43
CA THR D 89 80.40 -23.40 47.03
C THR D 89 79.30 -23.14 46.02
N LEU D 90 79.32 -21.96 45.39
CA LEU D 90 78.29 -21.64 44.41
C LEU D 90 78.34 -22.59 43.21
N GLU D 91 79.55 -22.87 42.71
CA GLU D 91 79.67 -23.77 41.57
C GLU D 91 79.06 -25.13 41.87
N HIS D 92 78.98 -25.51 43.14
CA HIS D 92 78.31 -26.74 43.51
C HIS D 92 76.82 -26.55 43.77
N VAL D 93 76.40 -25.36 44.22
CA VAL D 93 74.98 -25.06 44.30
C VAL D 93 74.34 -25.07 42.92
N LEU D 94 75.15 -24.89 41.87
CA LEU D 94 74.64 -24.96 40.49
C LEU D 94 74.92 -26.31 39.84
N THR D 95 76.11 -26.87 40.01
CA THR D 95 76.47 -28.10 39.32
C THR D 95 75.70 -29.30 39.89
N VAL D 96 75.73 -29.46 41.21
CA VAL D 96 75.13 -30.63 41.84
C VAL D 96 73.69 -30.35 42.24
N GLN D 97 73.45 -29.27 42.99
CA GLN D 97 72.10 -28.98 43.45
C GLN D 97 71.19 -28.60 42.29
N GLY D 98 71.60 -27.61 41.49
CA GLY D 98 70.76 -27.09 40.44
C GLY D 98 69.77 -26.04 40.88
N ASP D 99 69.56 -25.87 42.18
CA ASP D 99 68.64 -24.87 42.70
C ASP D 99 69.16 -23.49 42.35
N LEU D 100 68.64 -22.92 41.26
CA LEU D 100 69.12 -21.62 40.78
C LEU D 100 68.72 -20.51 41.75
N ALA D 101 67.50 -20.58 42.30
CA ALA D 101 67.10 -19.65 43.34
C ALA D 101 68.10 -19.64 44.49
N ALA D 102 68.39 -20.82 45.04
CA ALA D 102 69.38 -20.92 46.11
C ALA D 102 70.69 -20.24 45.72
N PHE D 103 71.19 -20.56 44.53
CA PHE D 103 72.41 -19.92 44.03
C PHE D 103 72.29 -18.40 44.10
N LEU D 104 71.12 -17.86 43.74
CA LEU D 104 70.98 -16.41 43.75
C LEU D 104 70.96 -15.84 45.16
N VAL D 105 70.30 -16.52 46.10
CA VAL D 105 70.26 -15.99 47.47
C VAL D 105 71.66 -16.05 48.09
N VAL D 106 72.37 -17.16 47.90
CA VAL D 106 73.71 -17.28 48.48
C VAL D 106 74.65 -16.28 47.83
N ALA D 107 74.56 -16.13 46.50
CA ALA D 107 75.41 -15.17 45.81
C ALA D 107 75.14 -13.75 46.29
N ARG D 108 73.86 -13.41 46.51
CA ARG D 108 73.54 -12.08 47.00
C ARG D 108 74.10 -11.86 48.41
N ASP D 109 73.85 -12.80 49.32
CA ASP D 109 74.39 -12.68 50.67
C ASP D 109 75.92 -12.52 50.64
N MSE D 110 76.58 -13.30 49.80
CA MSE D 110 78.04 -13.25 49.70
C MSE D 110 78.55 -11.91 49.16
O MSE D 110 79.45 -11.31 49.72
CB MSE D 110 78.54 -14.38 48.81
CG MSE D 110 79.05 -15.60 49.58
SE MSE D 110 79.12 -17.19 48.47
CE MSE D 110 79.57 -18.50 49.84
H MSE D 110 76.22 -13.87 49.26
HA MSE D 110 78.42 -13.38 50.59
HB2 MSE D 110 77.81 -14.68 48.24
HB3 MSE D 110 79.28 -14.05 48.27
HG2 MSE D 110 79.94 -15.41 49.91
HG3 MSE D 110 78.45 -15.77 50.32
HE1 MSE D 110 79.64 -19.38 49.43
HE2 MSE D 110 80.41 -18.26 50.25
HE3 MSE D 110 78.86 -18.51 50.52
N LEU D 111 77.95 -11.47 48.05
CA LEU D 111 78.43 -10.26 47.39
C LEU D 111 78.15 -9.02 48.24
N LEU D 112 76.98 -8.96 48.89
CA LEU D 112 76.65 -7.81 49.71
C LEU D 112 77.51 -7.72 50.97
N ALA D 113 78.18 -8.81 51.35
CA ALA D 113 79.09 -8.75 52.48
C ALA D 113 80.35 -7.96 52.14
N SER D 114 81.02 -8.33 51.05
CA SER D 114 82.18 -7.60 50.59
C SER D 114 81.77 -6.18 50.18
N LEU D 115 82.78 -5.33 50.00
CA LEU D 115 82.58 -3.92 49.66
C LEU D 115 81.45 -3.73 48.65
MG MG E . -25.72 16.51 -39.64
#